data_1OQM
#
_entry.id   1OQM
#
_cell.length_a   57.471
_cell.length_b   95.677
_cell.length_c   100.581
_cell.angle_alpha   90.00
_cell.angle_beta   101.40
_cell.angle_gamma   90.00
#
_symmetry.space_group_name_H-M   'P 1 21 1'
#
loop_
_entity.id
_entity.type
_entity.pdbx_description
1 polymer Alpha-lactalbumin
2 polymer beta-1,4-galactosyltransferase
3 non-polymer 'CALCIUM ION'
4 non-polymer 'TETRAETHYLENE GLYCOL'
5 non-polymer 'MANGANESE (II) ION'
6 non-polymer URIDINE-DIPHOSPHATE-N-ACETYLGALACTOSAMINE
7 water water
#
loop_
_entity_poly.entity_id
_entity_poly.type
_entity_poly.pdbx_seq_one_letter_code
_entity_poly.pdbx_strand_id
1 'polypeptide(L)'
;TELTKCKVSHAIKDIDGYQGISLLEWACVLFHTSGYDTQAVVNDNGSTEYGLFQISDRFWCKSSEFPESENICGISCDKL
LDDELDDDIACAKKILAIKGIDYWKAYKPMCSEKLEQWRCEKP
;
A,C
2 'polypeptide(L)'
;ASMTGGQQMGRGSSLTACPEESPLLVGPMLIEFNIPVDLKLVEQQNPKVKLGGRYTPMDCISPHKVAIIIPFRNRQEHLK
YWLYYLHPILQRQQLDYGIYVINQAGESMFNRAKLLNVGFKEALKDYDYNCFVFSDVDLIPMNDHNTYRCFSQPRHISVA
MDKFGFSLPYVQYFGGVSALSKQQFLSINGFPNNYWGWGGEDDDIYNRLAFRGMSVSRPNAVIGKCRMIRHSRDKKNEPN
PQRFDRIAHTKETMLSDGLNSLTYMVLEVQRYPLYTKITVDIGTPS
;
B,D
#
# COMPACT_ATOMS: atom_id res chain seq x y z
N THR A 1 -20.56 17.19 -11.75
CA THR A 1 -19.19 16.63 -11.76
C THR A 1 -18.61 16.69 -10.36
N GLU A 2 -17.97 15.60 -9.94
CA GLU A 2 -17.36 15.56 -8.62
C GLU A 2 -15.94 16.09 -8.74
N LEU A 3 -15.68 17.27 -8.19
CA LEU A 3 -14.35 17.87 -8.30
C LEU A 3 -13.46 17.46 -7.14
N THR A 4 -12.19 17.88 -7.21
CA THR A 4 -11.24 17.57 -6.13
C THR A 4 -11.09 18.82 -5.28
N LYS A 5 -10.55 18.65 -4.07
CA LYS A 5 -10.36 19.76 -3.18
C LYS A 5 -9.58 20.86 -3.92
N CYS A 6 -8.55 20.47 -4.67
CA CYS A 6 -7.77 21.44 -5.39
C CYS A 6 -8.46 22.10 -6.57
N LYS A 7 -9.34 21.38 -7.24
CA LYS A 7 -10.07 21.98 -8.35
C LYS A 7 -10.94 23.08 -7.75
N VAL A 8 -11.63 22.75 -6.67
CA VAL A 8 -12.49 23.73 -6.01
C VAL A 8 -11.69 24.94 -5.51
N SER A 9 -10.63 24.68 -4.76
CA SER A 9 -9.79 25.75 -4.22
C SER A 9 -9.29 26.70 -5.30
N HIS A 10 -9.00 26.18 -6.48
CA HIS A 10 -8.50 27.01 -7.57
C HIS A 10 -9.59 27.83 -8.24
N ALA A 11 -10.82 27.32 -8.24
CA ALA A 11 -11.93 28.01 -8.89
C ALA A 11 -12.55 29.13 -8.07
N ILE A 12 -12.41 29.06 -6.75
CA ILE A 12 -13.02 30.04 -5.87
C ILE A 12 -12.10 31.08 -5.25
N LYS A 13 -11.05 31.45 -5.96
CA LYS A 13 -10.13 32.44 -5.43
C LYS A 13 -10.77 33.81 -5.15
N ASP A 14 -11.73 34.22 -5.98
CA ASP A 14 -12.39 35.51 -5.81
C ASP A 14 -13.20 35.60 -4.52
N ILE A 15 -13.38 34.45 -3.88
CA ILE A 15 -14.13 34.40 -2.65
C ILE A 15 -13.16 34.35 -1.46
N ASP A 16 -11.89 34.16 -1.75
CA ASP A 16 -10.89 34.06 -0.69
C ASP A 16 -10.81 35.32 0.17
N GLY A 17 -11.01 35.15 1.47
CA GLY A 17 -10.96 36.27 2.38
C GLY A 17 -12.25 37.08 2.43
N TYR A 18 -13.13 36.87 1.45
CA TYR A 18 -14.39 37.61 1.42
C TYR A 18 -15.21 37.36 2.68
N GLN A 19 -15.58 38.43 3.38
CA GLN A 19 -16.36 38.32 4.60
C GLN A 19 -15.56 37.56 5.67
N GLY A 20 -14.24 37.50 5.49
CA GLY A 20 -13.37 36.84 6.46
C GLY A 20 -13.19 35.34 6.33
N ILE A 21 -13.84 34.73 5.34
CA ILE A 21 -13.76 33.29 5.13
C ILE A 21 -12.60 32.95 4.21
N SER A 22 -11.68 32.11 4.67
CA SER A 22 -10.54 31.72 3.86
C SER A 22 -10.83 30.54 2.93
N LEU A 23 -9.87 30.24 2.06
CA LEU A 23 -9.97 29.13 1.11
C LEU A 23 -10.00 27.77 1.82
N LEU A 24 -9.24 27.65 2.89
CA LEU A 24 -9.21 26.41 3.65
C LEU A 24 -10.59 26.21 4.26
N GLU A 25 -11.18 27.27 4.81
CA GLU A 25 -12.50 27.12 5.37
C GLU A 25 -13.50 26.72 4.30
N TRP A 26 -13.44 27.33 3.12
CA TRP A 26 -14.38 26.98 2.04
C TRP A 26 -14.17 25.55 1.55
N ALA A 27 -12.92 25.15 1.40
CA ALA A 27 -12.63 23.78 0.96
C ALA A 27 -13.32 22.83 1.93
N CYS A 28 -13.24 23.16 3.22
CA CYS A 28 -13.85 22.34 4.26
C CYS A 28 -15.37 22.38 4.19
N VAL A 29 -15.92 23.58 4.09
CA VAL A 29 -17.36 23.75 4.00
C VAL A 29 -17.98 23.05 2.76
N LEU A 30 -17.36 23.25 1.61
CA LEU A 30 -17.88 22.67 0.39
C LEU A 30 -17.86 21.14 0.40
N PHE A 31 -16.87 20.54 1.03
CA PHE A 31 -16.83 19.08 1.08
C PHE A 31 -18.04 18.57 1.82
N HIS A 32 -18.31 19.13 3.00
CA HIS A 32 -19.46 18.64 3.77
C HIS A 32 -20.79 19.08 3.17
N THR A 33 -20.79 20.20 2.47
CA THR A 33 -22.02 20.73 1.90
C THR A 33 -22.46 19.93 0.68
N SER A 34 -21.55 19.70 -0.26
CA SER A 34 -21.92 18.98 -1.47
C SER A 34 -20.98 17.86 -1.89
N GLY A 35 -19.95 17.59 -1.09
CA GLY A 35 -19.02 16.52 -1.48
C GLY A 35 -18.33 16.92 -2.76
N TYR A 36 -18.24 18.24 -2.98
CA TYR A 36 -17.62 18.83 -4.17
C TYR A 36 -18.32 18.48 -5.48
N ASP A 37 -19.60 18.09 -5.42
CA ASP A 37 -20.35 17.73 -6.60
C ASP A 37 -21.05 18.93 -7.19
N THR A 38 -20.65 19.36 -8.38
CA THR A 38 -21.27 20.51 -9.01
C THR A 38 -22.73 20.30 -9.39
N GLN A 39 -23.17 19.03 -9.36
CA GLN A 39 -24.53 18.66 -9.73
C GLN A 39 -25.38 18.18 -8.55
N ALA A 40 -24.89 18.33 -7.33
CA ALA A 40 -25.65 17.90 -6.17
C ALA A 40 -27.01 18.63 -6.06
N VAL A 41 -28.07 17.87 -5.80
CA VAL A 41 -29.40 18.45 -5.64
C VAL A 41 -29.99 17.80 -4.39
N VAL A 42 -30.24 18.60 -3.37
CA VAL A 42 -30.78 18.06 -2.12
C VAL A 42 -32.03 18.81 -1.73
N ASN A 43 -33.10 18.08 -1.41
CA ASN A 43 -34.29 18.77 -0.96
C ASN A 43 -34.16 18.96 0.53
N ASP A 44 -34.72 20.04 1.06
CA ASP A 44 -34.63 20.30 2.48
C ASP A 44 -35.96 19.97 3.16
N ASN A 45 -36.98 20.80 2.89
CA ASN A 45 -38.33 20.62 3.42
C ASN A 45 -39.28 21.58 2.71
N GLY A 46 -39.59 21.25 1.47
CA GLY A 46 -40.45 22.11 0.68
C GLY A 46 -39.57 22.99 -0.18
N SER A 47 -38.27 22.78 -0.09
CA SER A 47 -37.33 23.58 -0.87
C SER A 47 -36.17 22.73 -1.38
N THR A 48 -35.42 23.27 -2.32
CA THR A 48 -34.31 22.53 -2.89
C THR A 48 -33.01 23.31 -2.95
N GLU A 49 -31.92 22.64 -2.66
CA GLU A 49 -30.59 23.26 -2.69
C GLU A 49 -29.80 22.72 -3.88
N TYR A 50 -29.13 23.64 -4.58
CA TYR A 50 -28.40 23.30 -5.81
C TYR A 50 -26.90 23.52 -5.87
N GLY A 51 -26.21 22.58 -6.51
CA GLY A 51 -24.78 22.71 -6.78
C GLY A 51 -23.74 22.62 -5.68
N LEU A 52 -22.51 22.96 -6.05
CA LEU A 52 -21.35 22.95 -5.17
C LEU A 52 -21.61 23.63 -3.82
N PHE A 53 -22.24 24.83 -3.88
CA PHE A 53 -22.57 25.62 -2.69
C PHE A 53 -23.94 25.30 -2.08
N GLN A 54 -24.72 24.44 -2.73
CA GLN A 54 -26.07 24.12 -2.25
C GLN A 54 -26.92 25.38 -2.00
N ILE A 55 -27.01 26.21 -3.04
CA ILE A 55 -27.78 27.42 -2.97
C ILE A 55 -29.25 27.03 -3.10
N SER A 56 -30.05 27.51 -2.15
CA SER A 56 -31.47 27.17 -2.09
C SER A 56 -32.43 27.97 -2.99
N ASP A 57 -33.51 27.32 -3.44
CA ASP A 57 -34.48 28.04 -4.27
C ASP A 57 -35.48 28.80 -3.39
N ARG A 58 -35.33 28.67 -2.07
CA ARG A 58 -36.22 29.36 -1.15
C ARG A 58 -36.14 30.90 -1.30
N PHE A 59 -34.93 31.44 -1.44
CA PHE A 59 -34.75 32.89 -1.58
C PHE A 59 -33.71 33.30 -2.61
N TRP A 60 -32.80 32.38 -2.91
CA TRP A 60 -31.69 32.75 -3.77
C TRP A 60 -31.72 32.57 -5.28
N CYS A 61 -32.20 31.44 -5.77
CA CYS A 61 -32.23 31.21 -7.21
C CYS A 61 -33.66 30.85 -7.58
N LYS A 62 -34.01 31.02 -8.86
CA LYS A 62 -35.36 30.71 -9.28
C LYS A 62 -35.45 29.30 -9.88
N SER A 63 -36.36 28.50 -9.36
CA SER A 63 -36.55 27.15 -9.85
C SER A 63 -37.91 27.12 -10.56
N SER A 64 -38.27 25.97 -11.11
CA SER A 64 -39.56 25.87 -11.78
C SER A 64 -40.62 25.41 -10.79
N GLU A 65 -40.17 24.80 -9.70
CA GLU A 65 -41.07 24.31 -8.66
C GLU A 65 -41.49 25.50 -7.78
N PHE A 66 -40.73 26.59 -7.87
CA PHE A 66 -41.01 27.77 -7.07
C PHE A 66 -40.63 29.06 -7.81
N PRO A 67 -41.36 29.37 -8.91
CA PRO A 67 -41.11 30.57 -9.72
C PRO A 67 -41.27 31.90 -8.99
N GLU A 68 -42.14 31.94 -7.98
CA GLU A 68 -42.38 33.17 -7.22
C GLU A 68 -41.27 33.52 -6.23
N SER A 69 -40.28 32.64 -6.10
CA SER A 69 -39.14 32.87 -5.20
C SER A 69 -38.55 34.26 -5.36
N GLU A 70 -37.96 34.78 -4.29
CA GLU A 70 -37.36 36.09 -4.35
C GLU A 70 -36.20 36.13 -5.35
N ASN A 71 -35.64 34.95 -5.67
CA ASN A 71 -34.52 34.86 -6.61
C ASN A 71 -33.57 36.03 -6.41
N ILE A 72 -33.12 36.20 -5.18
CA ILE A 72 -32.22 37.28 -4.82
C ILE A 72 -30.96 37.31 -5.68
N CYS A 73 -30.46 36.15 -6.05
CA CYS A 73 -29.26 36.07 -6.88
C CYS A 73 -29.53 36.38 -8.37
N GLY A 74 -30.81 36.41 -8.76
CA GLY A 74 -31.15 36.74 -10.14
C GLY A 74 -30.59 35.72 -11.10
N ILE A 75 -30.88 34.44 -10.83
CA ILE A 75 -30.34 33.39 -11.67
C ILE A 75 -31.21 32.15 -11.61
N SER A 76 -31.24 31.40 -12.70
CA SER A 76 -32.01 30.16 -12.73
C SER A 76 -31.20 29.19 -11.91
N CYS A 77 -31.85 28.40 -11.06
CA CYS A 77 -31.12 27.41 -10.25
C CYS A 77 -30.37 26.41 -11.14
N ASP A 78 -30.88 26.16 -12.35
CA ASP A 78 -30.20 25.20 -13.23
C ASP A 78 -28.81 25.65 -13.62
N LYS A 79 -28.56 26.95 -13.51
CA LYS A 79 -27.24 27.51 -13.82
C LYS A 79 -26.24 27.16 -12.70
N LEU A 80 -26.76 26.63 -11.61
CA LEU A 80 -25.91 26.24 -10.49
C LEU A 80 -25.59 24.75 -10.53
N LEU A 81 -26.02 24.07 -11.60
CA LEU A 81 -25.77 22.65 -11.75
C LEU A 81 -24.75 22.31 -12.83
N ASP A 82 -23.93 23.28 -13.24
CA ASP A 82 -22.93 23.00 -14.28
C ASP A 82 -21.54 23.20 -13.72
N ASP A 83 -20.52 23.03 -14.56
CA ASP A 83 -19.14 23.19 -14.14
C ASP A 83 -18.57 24.59 -14.26
N GLU A 84 -19.41 25.57 -14.57
CA GLU A 84 -18.96 26.95 -14.67
C GLU A 84 -19.36 27.59 -13.35
N LEU A 85 -18.36 27.78 -12.50
CA LEU A 85 -18.56 28.29 -11.15
C LEU A 85 -18.63 29.79 -10.90
N ASP A 86 -18.42 30.61 -11.93
CA ASP A 86 -18.47 32.06 -11.73
C ASP A 86 -19.84 32.53 -11.26
N ASP A 87 -20.93 31.97 -11.81
CA ASP A 87 -22.23 32.45 -11.33
C ASP A 87 -22.56 31.84 -9.96
N ASP A 88 -22.09 30.64 -9.67
CA ASP A 88 -22.33 30.04 -8.34
C ASP A 88 -21.63 30.92 -7.27
N ILE A 89 -20.40 31.31 -7.56
CA ILE A 89 -19.58 32.12 -6.66
C ILE A 89 -20.20 33.51 -6.41
N ALA A 90 -20.68 34.14 -7.48
CA ALA A 90 -21.31 35.45 -7.39
C ALA A 90 -22.54 35.36 -6.48
N CYS A 91 -23.34 34.31 -6.65
CA CYS A 91 -24.53 34.15 -5.81
C CYS A 91 -24.10 33.87 -4.35
N ALA A 92 -23.04 33.08 -4.19
CA ALA A 92 -22.59 32.75 -2.85
C ALA A 92 -22.13 34.02 -2.14
N LYS A 93 -21.50 34.92 -2.91
CA LYS A 93 -21.03 36.17 -2.34
C LYS A 93 -22.20 36.98 -1.82
N LYS A 94 -23.32 36.96 -2.55
CA LYS A 94 -24.50 37.70 -2.11
C LYS A 94 -25.03 37.06 -0.82
N ILE A 95 -24.98 35.74 -0.74
CA ILE A 95 -25.45 35.07 0.47
C ILE A 95 -24.58 35.52 1.63
N LEU A 96 -23.25 35.49 1.42
CA LEU A 96 -22.33 35.91 2.47
C LEU A 96 -22.56 37.35 2.89
N ALA A 97 -22.71 38.28 1.94
CA ALA A 97 -22.90 39.69 2.26
C ALA A 97 -24.23 39.95 2.97
N ILE A 98 -25.25 39.23 2.56
CA ILE A 98 -26.59 39.41 3.10
C ILE A 98 -26.92 38.60 4.35
N LYS A 99 -26.68 37.29 4.32
CA LYS A 99 -26.99 36.40 5.43
C LYS A 99 -25.77 36.01 6.26
N GLY A 100 -24.65 35.79 5.58
CA GLY A 100 -23.45 35.41 6.31
C GLY A 100 -23.09 33.93 6.15
N ILE A 101 -21.91 33.57 6.65
CA ILE A 101 -21.42 32.19 6.53
C ILE A 101 -22.35 31.16 7.17
N ASP A 102 -23.19 31.58 8.12
CA ASP A 102 -24.09 30.68 8.81
C ASP A 102 -25.12 30.03 7.87
N TYR A 103 -25.21 30.54 6.64
CA TYR A 103 -26.11 29.91 5.69
C TYR A 103 -25.64 28.46 5.55
N TRP A 104 -24.32 28.27 5.55
CA TRP A 104 -23.78 26.92 5.43
C TRP A 104 -23.68 26.25 6.80
N LYS A 105 -24.64 25.40 7.10
CA LYS A 105 -24.70 24.74 8.40
C LYS A 105 -23.48 23.92 8.83
N ALA A 106 -22.68 23.44 7.88
CA ALA A 106 -21.51 22.64 8.22
C ALA A 106 -20.33 23.44 8.74
N TYR A 107 -20.29 24.74 8.44
CA TYR A 107 -19.16 25.56 8.83
C TYR A 107 -18.77 25.41 10.30
N LYS A 108 -19.65 25.82 11.21
CA LYS A 108 -19.41 25.75 12.65
C LYS A 108 -18.95 24.38 13.17
N PRO A 109 -19.79 23.35 13.03
CA PRO A 109 -19.38 22.03 13.53
C PRO A 109 -18.22 21.29 12.89
N MET A 110 -18.09 21.44 11.58
CA MET A 110 -17.06 20.72 10.83
C MET A 110 -15.83 21.50 10.46
N CYS A 111 -15.92 22.82 10.49
CA CYS A 111 -14.79 23.63 10.02
C CYS A 111 -14.25 24.68 10.98
N SER A 112 -14.32 24.40 12.27
CA SER A 112 -13.83 25.32 13.28
C SER A 112 -12.40 25.02 13.70
N GLU A 113 -11.93 23.80 13.42
CA GLU A 113 -10.58 23.37 13.79
C GLU A 113 -10.03 22.40 12.75
N LYS A 114 -8.75 22.07 12.86
CA LYS A 114 -8.10 21.17 11.91
C LYS A 114 -8.35 21.71 10.50
N LEU A 115 -7.95 22.96 10.30
CA LEU A 115 -8.14 23.63 9.02
C LEU A 115 -7.01 23.41 8.03
N GLU A 116 -5.80 23.23 8.54
CA GLU A 116 -4.63 23.03 7.70
C GLU A 116 -4.77 21.88 6.71
N GLN A 117 -5.48 20.81 7.08
CA GLN A 117 -5.61 19.66 6.19
C GLN A 117 -6.34 20.04 4.89
N TRP A 118 -7.08 21.13 4.91
CA TRP A 118 -7.85 21.56 3.74
C TRP A 118 -7.08 22.36 2.70
N ARG A 119 -5.81 22.62 2.98
CA ARG A 119 -4.97 23.39 2.06
C ARG A 119 -4.65 22.62 0.78
N CYS A 120 -4.63 23.33 -0.35
CA CYS A 120 -4.27 22.72 -1.62
C CYS A 120 -2.87 23.25 -1.92
N GLU A 121 -1.92 22.35 -2.15
CA GLU A 121 -0.52 22.73 -2.46
C GLU A 121 -0.28 22.70 -3.96
N LYS A 122 -1.20 22.13 -4.71
CA LYS A 122 -1.05 22.06 -6.15
C LYS A 122 -1.16 23.48 -6.75
N PRO A 123 -0.11 23.91 -7.48
CA PRO A 123 -0.10 25.25 -8.10
C PRO A 123 -1.22 25.45 -9.12
N LEU B 15 -3.27 -26.87 21.76
CA LEU B 15 -2.93 -25.72 20.85
C LEU B 15 -2.75 -24.40 21.58
N THR B 16 -2.02 -23.49 20.95
CA THR B 16 -1.71 -22.20 21.56
C THR B 16 -2.29 -20.95 20.90
N ALA B 17 -1.95 -19.79 21.44
CA ALA B 17 -2.43 -18.54 20.87
C ALA B 17 -1.95 -18.33 19.45
N CYS B 18 -2.81 -17.75 18.62
CA CYS B 18 -2.46 -17.47 17.24
C CYS B 18 -1.35 -16.44 17.20
N PRO B 19 -0.47 -16.52 16.20
CA PRO B 19 0.61 -15.54 16.15
C PRO B 19 0.05 -14.12 16.09
N GLU B 20 0.86 -13.12 16.42
CA GLU B 20 0.38 -11.75 16.39
C GLU B 20 -0.02 -11.39 14.95
N GLU B 21 0.75 -11.89 13.99
CA GLU B 21 0.44 -11.66 12.59
C GLU B 21 0.19 -13.02 11.95
N SER B 22 -0.89 -13.12 11.18
CA SER B 22 -1.24 -14.38 10.54
C SER B 22 -0.26 -14.77 9.46
N PRO B 23 0.16 -16.03 9.44
CA PRO B 23 1.09 -16.47 8.41
C PRO B 23 0.34 -16.75 7.11
N LEU B 24 -0.97 -16.53 7.09
CA LEU B 24 -1.77 -16.79 5.90
C LEU B 24 -2.00 -15.59 4.99
N LEU B 25 -1.79 -14.37 5.50
CA LEU B 25 -1.99 -13.16 4.71
C LEU B 25 -1.32 -13.16 3.32
N VAL B 26 -2.03 -12.64 2.32
CA VAL B 26 -1.50 -12.58 0.96
C VAL B 26 -1.19 -11.14 0.54
N GLY B 27 -1.49 -10.19 1.43
CA GLY B 27 -1.25 -8.79 1.10
C GLY B 27 -2.33 -8.28 0.16
N PRO B 28 -1.97 -7.43 -0.83
CA PRO B 28 -2.94 -6.89 -1.77
C PRO B 28 -3.78 -7.94 -2.51
N MET B 29 -4.98 -7.53 -2.92
CA MET B 29 -5.91 -8.41 -3.61
C MET B 29 -6.72 -7.64 -4.64
N LEU B 30 -7.10 -8.34 -5.70
CA LEU B 30 -7.89 -7.77 -6.78
C LEU B 30 -9.37 -7.88 -6.42
N ILE B 31 -10.04 -6.75 -6.34
CA ILE B 31 -11.45 -6.71 -5.97
C ILE B 31 -12.29 -6.26 -7.15
N GLU B 32 -13.16 -7.15 -7.63
CA GLU B 32 -14.03 -6.82 -8.76
C GLU B 32 -15.48 -7.22 -8.52
N PHE B 33 -16.39 -6.44 -9.09
CA PHE B 33 -17.82 -6.68 -8.94
C PHE B 33 -18.45 -6.96 -10.30
N ASN B 34 -17.80 -7.82 -11.08
CA ASN B 34 -18.27 -8.19 -12.41
C ASN B 34 -18.91 -9.58 -12.35
N ILE B 35 -18.07 -10.60 -12.22
CA ILE B 35 -18.53 -11.98 -12.17
C ILE B 35 -19.57 -12.14 -11.06
N PRO B 36 -20.74 -12.72 -11.39
CA PRO B 36 -21.85 -12.96 -10.46
C PRO B 36 -21.46 -13.91 -9.35
N VAL B 37 -22.10 -13.73 -8.19
CA VAL B 37 -21.81 -14.56 -7.04
C VAL B 37 -22.88 -15.62 -6.82
N ASP B 38 -22.44 -16.78 -6.35
CA ASP B 38 -23.30 -17.91 -6.06
C ASP B 38 -23.02 -18.25 -4.61
N LEU B 39 -23.88 -17.80 -3.70
CA LEU B 39 -23.66 -18.08 -2.29
C LEU B 39 -23.45 -19.56 -2.04
N LYS B 40 -24.13 -20.41 -2.80
CA LYS B 40 -24.00 -21.86 -2.64
C LYS B 40 -22.55 -22.19 -2.98
N LEU B 41 -22.02 -21.49 -3.97
CA LEU B 41 -20.64 -21.69 -4.38
C LEU B 41 -19.77 -21.26 -3.20
N VAL B 42 -20.07 -20.07 -2.68
CA VAL B 42 -19.35 -19.48 -1.55
C VAL B 42 -19.31 -20.37 -0.31
N GLU B 43 -20.44 -20.98 0.02
CA GLU B 43 -20.53 -21.85 1.17
C GLU B 43 -19.62 -23.04 0.93
N GLN B 44 -19.72 -23.56 -0.29
CA GLN B 44 -18.94 -24.70 -0.73
C GLN B 44 -17.44 -24.42 -0.54
N GLN B 45 -17.02 -23.21 -0.87
CA GLN B 45 -15.61 -22.82 -0.74
C GLN B 45 -15.21 -22.38 0.67
N ASN B 46 -16.17 -22.41 1.61
CA ASN B 46 -15.92 -22.01 2.99
C ASN B 46 -16.56 -23.00 3.96
N PRO B 47 -16.32 -24.30 3.75
CA PRO B 47 -16.87 -25.37 4.60
C PRO B 47 -16.73 -25.19 6.10
N LYS B 48 -15.68 -24.50 6.54
CA LYS B 48 -15.43 -24.29 7.97
C LYS B 48 -16.39 -23.31 8.67
N VAL B 49 -17.06 -22.45 7.90
CA VAL B 49 -18.00 -21.49 8.47
C VAL B 49 -19.30 -22.21 8.89
N LYS B 50 -19.68 -22.10 10.16
CA LYS B 50 -20.89 -22.78 10.61
C LYS B 50 -22.16 -21.94 10.51
N LEU B 51 -23.31 -22.61 10.59
CA LEU B 51 -24.62 -21.96 10.50
C LEU B 51 -24.62 -20.65 11.28
N GLY B 52 -25.14 -19.60 10.64
CA GLY B 52 -25.17 -18.31 11.26
C GLY B 52 -23.95 -17.49 10.88
N GLY B 53 -23.04 -18.10 10.14
CA GLY B 53 -21.82 -17.41 9.73
C GLY B 53 -20.81 -17.30 10.86
N ARG B 54 -20.61 -18.38 11.61
CA ARG B 54 -19.66 -18.41 12.72
C ARG B 54 -18.37 -19.16 12.32
N TYR B 55 -17.22 -18.64 12.74
CA TYR B 55 -15.94 -19.26 12.45
C TYR B 55 -14.96 -19.10 13.60
N THR B 56 -14.41 -20.22 14.04
CA THR B 56 -13.42 -20.22 15.11
C THR B 56 -12.22 -21.00 14.60
N PRO B 57 -11.01 -20.40 14.67
CA PRO B 57 -9.80 -21.09 14.20
C PRO B 57 -9.64 -22.45 14.88
N MET B 58 -9.13 -23.43 14.14
CA MET B 58 -8.89 -24.75 14.71
C MET B 58 -7.43 -24.83 15.08
N ASP B 59 -6.60 -24.20 14.23
CA ASP B 59 -5.14 -24.15 14.37
C ASP B 59 -4.55 -23.57 15.64
N CYS B 60 -5.20 -22.54 16.16
CA CYS B 60 -4.70 -21.87 17.36
C CYS B 60 -5.87 -21.21 18.08
N ILE B 61 -5.58 -20.50 19.16
CA ILE B 61 -6.63 -19.81 19.89
C ILE B 61 -6.50 -18.32 19.63
N SER B 62 -7.54 -17.74 19.04
CA SER B 62 -7.53 -16.31 18.76
C SER B 62 -8.07 -15.54 19.94
N PRO B 63 -7.45 -14.40 20.25
CA PRO B 63 -7.90 -13.57 21.36
C PRO B 63 -8.91 -12.51 20.88
N HIS B 64 -9.19 -12.51 19.57
CA HIS B 64 -10.14 -11.55 19.01
C HIS B 64 -11.47 -12.25 18.70
N LYS B 65 -12.47 -12.06 19.56
CA LYS B 65 -13.81 -12.63 19.38
C LYS B 65 -14.60 -11.48 18.78
N VAL B 66 -14.68 -11.50 17.45
CA VAL B 66 -15.28 -10.42 16.67
C VAL B 66 -16.66 -10.62 16.05
N ALA B 67 -17.58 -9.72 16.39
CA ALA B 67 -18.91 -9.74 15.81
C ALA B 67 -18.88 -8.65 14.74
N ILE B 68 -19.17 -9.00 13.50
CA ILE B 68 -19.16 -8.03 12.41
C ILE B 68 -20.60 -7.66 12.15
N ILE B 69 -20.91 -6.37 12.35
CA ILE B 69 -22.27 -5.84 12.19
C ILE B 69 -22.46 -4.99 10.93
N ILE B 70 -23.47 -5.37 10.15
CA ILE B 70 -23.77 -4.67 8.90
C ILE B 70 -25.19 -4.10 8.88
N PRO B 71 -25.31 -2.76 8.73
CA PRO B 71 -26.66 -2.16 8.69
C PRO B 71 -27.22 -2.59 7.35
N PHE B 72 -28.50 -2.89 7.31
CA PHE B 72 -29.02 -3.42 6.08
C PHE B 72 -30.50 -3.19 5.80
N ARG B 73 -30.77 -2.98 4.52
CA ARG B 73 -32.11 -2.87 3.99
C ARG B 73 -32.02 -2.89 2.48
N ASN B 74 -32.58 -3.93 1.87
CA ASN B 74 -32.60 -4.06 0.42
C ASN B 74 -31.22 -3.99 -0.25
N ARG B 75 -30.25 -4.69 0.30
CA ARG B 75 -28.91 -4.69 -0.31
C ARG B 75 -28.40 -6.12 -0.46
N GLN B 76 -29.30 -7.01 -0.88
CA GLN B 76 -28.95 -8.40 -1.04
C GLN B 76 -27.80 -8.63 -2.02
N GLU B 77 -27.84 -7.95 -3.17
CA GLU B 77 -26.78 -8.11 -4.17
C GLU B 77 -25.43 -7.66 -3.61
N HIS B 78 -25.43 -6.57 -2.86
CA HIS B 78 -24.19 -6.08 -2.26
C HIS B 78 -23.66 -7.10 -1.25
N LEU B 79 -24.56 -7.67 -0.46
CA LEU B 79 -24.20 -8.65 0.57
C LEU B 79 -23.45 -9.85 -0.01
N LYS B 80 -23.97 -10.38 -1.12
CA LYS B 80 -23.34 -11.53 -1.78
C LYS B 80 -21.88 -11.22 -2.04
N TYR B 81 -21.59 -10.06 -2.62
CA TYR B 81 -20.21 -9.70 -2.88
C TYR B 81 -19.44 -9.60 -1.55
N TRP B 82 -20.05 -8.94 -0.56
CA TRP B 82 -19.41 -8.76 0.75
C TRP B 82 -19.02 -10.11 1.32
N LEU B 83 -19.99 -11.02 1.36
CA LEU B 83 -19.74 -12.34 1.87
C LEU B 83 -18.70 -13.06 1.01
N TYR B 84 -18.83 -12.94 -0.30
CA TYR B 84 -17.90 -13.59 -1.21
C TYR B 84 -16.44 -13.22 -0.92
N TYR B 85 -16.18 -11.94 -0.64
CA TYR B 85 -14.80 -11.54 -0.35
C TYR B 85 -14.37 -11.63 1.11
N LEU B 86 -15.25 -11.26 2.05
CA LEU B 86 -14.83 -11.26 3.46
C LEU B 86 -14.61 -12.57 4.19
N HIS B 87 -15.41 -13.60 3.94
CA HIS B 87 -15.20 -14.83 4.69
C HIS B 87 -13.78 -15.40 4.51
N PRO B 88 -13.24 -15.36 3.30
CA PRO B 88 -11.89 -15.89 3.08
C PRO B 88 -10.86 -15.03 3.80
N ILE B 89 -11.03 -13.72 3.71
CA ILE B 89 -10.11 -12.79 4.34
C ILE B 89 -10.12 -12.95 5.85
N LEU B 90 -11.31 -13.00 6.43
CA LEU B 90 -11.44 -13.10 7.87
C LEU B 90 -10.86 -14.39 8.45
N GLN B 91 -10.99 -15.49 7.71
CA GLN B 91 -10.44 -16.75 8.19
C GLN B 91 -8.93 -16.68 8.10
N ARG B 92 -8.43 -16.06 7.05
CA ARG B 92 -6.99 -15.89 6.90
C ARG B 92 -6.48 -15.07 8.09
N GLN B 93 -7.30 -14.12 8.56
CA GLN B 93 -6.89 -13.26 9.67
C GLN B 93 -7.00 -13.96 11.03
N GLN B 94 -7.39 -15.23 11.00
CA GLN B 94 -7.48 -16.05 12.20
C GLN B 94 -8.32 -15.45 13.32
N LEU B 95 -9.51 -15.00 12.98
CA LEU B 95 -10.44 -14.38 13.94
C LEU B 95 -11.57 -15.35 14.33
N ASP B 96 -12.01 -15.26 15.58
CA ASP B 96 -13.13 -16.06 16.07
C ASP B 96 -14.27 -15.08 15.84
N TYR B 97 -14.90 -15.17 14.67
CA TYR B 97 -15.92 -14.22 14.29
C TYR B 97 -17.31 -14.72 13.93
N GLY B 98 -18.25 -13.75 13.90
CA GLY B 98 -19.64 -14.00 13.57
C GLY B 98 -20.18 -12.86 12.71
N ILE B 99 -20.97 -13.20 11.69
CA ILE B 99 -21.54 -12.20 10.81
C ILE B 99 -23.00 -11.86 11.14
N TYR B 100 -23.31 -10.58 11.25
CA TYR B 100 -24.67 -10.16 11.56
C TYR B 100 -25.18 -9.06 10.66
N VAL B 101 -26.24 -9.37 9.94
CA VAL B 101 -26.92 -8.44 9.05
C VAL B 101 -28.17 -7.96 9.79
N ILE B 102 -28.17 -6.70 10.22
CA ILE B 102 -29.30 -6.12 10.95
C ILE B 102 -30.20 -5.46 9.90
N ASN B 103 -31.31 -6.11 9.60
CA ASN B 103 -32.24 -5.64 8.57
C ASN B 103 -33.38 -4.79 9.10
N GLN B 104 -33.49 -3.56 8.59
CA GLN B 104 -34.56 -2.67 9.04
C GLN B 104 -35.88 -2.97 8.34
N ALA B 105 -36.88 -3.31 9.15
CA ALA B 105 -38.22 -3.61 8.68
C ALA B 105 -38.91 -2.30 8.34
N GLY B 106 -39.94 -2.39 7.52
CA GLY B 106 -40.70 -1.21 7.15
C GLY B 106 -40.04 -0.40 6.06
N GLU B 107 -40.69 0.73 5.74
CA GLU B 107 -40.18 1.60 4.71
C GLU B 107 -39.98 3.03 5.18
N SER B 108 -39.74 3.21 6.47
CA SER B 108 -39.49 4.55 6.99
C SER B 108 -38.02 4.92 6.76
N MET B 109 -37.64 6.13 7.16
CA MET B 109 -36.26 6.60 7.01
C MET B 109 -35.27 5.57 7.55
N PHE B 110 -34.19 5.35 6.80
CA PHE B 110 -33.17 4.40 7.21
C PHE B 110 -32.40 4.98 8.41
N ASN B 111 -32.01 4.11 9.33
CA ASN B 111 -31.26 4.56 10.50
C ASN B 111 -30.03 3.68 10.76
N ARG B 112 -28.96 3.94 10.00
CA ARG B 112 -27.71 3.17 10.10
C ARG B 112 -27.17 2.95 11.51
N ALA B 113 -26.95 4.03 12.27
CA ALA B 113 -26.39 3.91 13.62
C ALA B 113 -27.26 3.13 14.57
N LYS B 114 -28.57 3.33 14.48
CA LYS B 114 -29.45 2.61 15.38
C LYS B 114 -29.36 1.11 15.11
N LEU B 115 -29.34 0.72 13.83
CA LEU B 115 -29.22 -0.68 13.45
C LEU B 115 -27.90 -1.24 13.98
N LEU B 116 -26.85 -0.42 14.04
CA LEU B 116 -25.56 -0.88 14.55
C LEU B 116 -25.67 -1.18 16.06
N ASN B 117 -26.37 -0.33 16.80
CA ASN B 117 -26.57 -0.57 18.24
C ASN B 117 -27.29 -1.90 18.45
N VAL B 118 -28.32 -2.13 17.64
CA VAL B 118 -29.09 -3.37 17.70
C VAL B 118 -28.15 -4.54 17.50
N GLY B 119 -27.28 -4.42 16.49
CA GLY B 119 -26.31 -5.46 16.21
C GLY B 119 -25.48 -5.81 17.43
N PHE B 120 -25.00 -4.78 18.12
CA PHE B 120 -24.19 -4.96 19.31
C PHE B 120 -25.00 -5.76 20.34
N LYS B 121 -26.21 -5.29 20.66
CA LYS B 121 -27.06 -5.97 21.66
C LYS B 121 -27.34 -7.42 21.30
N GLU B 122 -27.80 -7.64 20.08
CA GLU B 122 -28.13 -8.97 19.60
C GLU B 122 -26.96 -9.93 19.48
N ALA B 123 -25.79 -9.44 19.05
CA ALA B 123 -24.64 -10.33 18.89
C ALA B 123 -24.26 -10.91 20.24
N LEU B 124 -24.33 -10.08 21.29
CA LEU B 124 -24.00 -10.50 22.65
C LEU B 124 -24.86 -11.64 23.20
N LYS B 125 -26.00 -11.91 22.57
CA LYS B 125 -26.88 -13.00 23.00
C LYS B 125 -26.34 -14.33 22.52
N ASP B 126 -25.52 -14.29 21.47
CA ASP B 126 -24.96 -15.51 20.92
C ASP B 126 -23.62 -15.91 21.47
N TYR B 127 -22.81 -14.92 21.83
CA TYR B 127 -21.45 -15.24 22.21
C TYR B 127 -20.78 -14.11 23.00
N ASP B 128 -19.73 -14.46 23.71
CA ASP B 128 -18.96 -13.51 24.51
C ASP B 128 -18.00 -12.64 23.67
N TYR B 129 -18.55 -11.89 22.72
CA TYR B 129 -17.76 -11.02 21.85
C TYR B 129 -17.04 -9.90 22.60
N ASN B 130 -15.77 -9.66 22.25
CA ASN B 130 -15.06 -8.56 22.90
C ASN B 130 -14.69 -7.48 21.89
N CYS B 131 -15.10 -7.67 20.64
CA CYS B 131 -14.77 -6.72 19.59
C CYS B 131 -15.91 -6.63 18.57
N PHE B 132 -16.20 -5.42 18.10
CA PHE B 132 -17.27 -5.22 17.14
C PHE B 132 -16.83 -4.40 15.95
N VAL B 133 -16.97 -4.98 14.76
CA VAL B 133 -16.63 -4.31 13.53
C VAL B 133 -17.97 -3.90 12.93
N PHE B 134 -18.12 -2.62 12.66
CA PHE B 134 -19.32 -2.10 12.05
C PHE B 134 -18.91 -1.80 10.61
N SER B 135 -19.61 -2.42 9.66
CA SER B 135 -19.27 -2.25 8.27
C SER B 135 -20.43 -2.03 7.33
N ASP B 136 -20.29 -1.04 6.45
CA ASP B 136 -21.30 -0.84 5.45
C ASP B 136 -21.29 -2.15 4.63
N VAL B 137 -22.45 -2.53 4.10
CA VAL B 137 -22.62 -3.75 3.30
C VAL B 137 -21.84 -3.71 1.99
N ASP B 138 -21.41 -2.54 1.57
CA ASP B 138 -20.73 -2.41 0.27
C ASP B 138 -19.24 -2.10 0.24
N LEU B 139 -18.56 -2.25 1.38
CA LEU B 139 -17.13 -1.97 1.40
C LEU B 139 -16.31 -3.24 1.49
N ILE B 140 -15.34 -3.36 0.61
CA ILE B 140 -14.47 -4.53 0.58
C ILE B 140 -13.02 -4.06 0.72
N PRO B 141 -12.29 -4.65 1.68
CA PRO B 141 -10.90 -4.26 1.87
C PRO B 141 -10.02 -4.93 0.80
N MET B 142 -9.07 -4.15 0.28
CA MET B 142 -8.18 -4.62 -0.76
C MET B 142 -6.86 -5.20 -0.24
N ASN B 143 -6.70 -5.30 1.07
CA ASN B 143 -5.44 -5.84 1.60
C ASN B 143 -5.66 -6.52 2.95
N ASP B 144 -5.52 -7.84 2.97
CA ASP B 144 -5.76 -8.54 4.21
C ASP B 144 -4.86 -8.22 5.38
N HIS B 145 -3.93 -7.27 5.21
CA HIS B 145 -3.11 -6.86 6.34
C HIS B 145 -3.98 -5.90 7.17
N ASN B 146 -5.03 -5.36 6.56
CA ASN B 146 -5.96 -4.47 7.25
C ASN B 146 -6.87 -5.39 8.08
N THR B 147 -6.43 -5.70 9.29
CA THR B 147 -7.15 -6.62 10.14
C THR B 147 -8.48 -6.13 10.68
N TYR B 148 -9.51 -6.99 10.54
CA TYR B 148 -10.85 -6.70 11.04
C TYR B 148 -10.97 -7.15 12.50
N ARG B 149 -10.23 -6.47 13.37
CA ARG B 149 -10.29 -6.78 14.78
C ARG B 149 -10.11 -5.45 15.55
N CYS B 150 -10.11 -5.50 16.88
CA CYS B 150 -10.00 -4.28 17.64
C CYS B 150 -8.59 -4.02 18.16
N PHE B 151 -8.30 -2.74 18.46
CA PHE B 151 -6.99 -2.33 18.91
C PHE B 151 -7.13 -1.54 20.20
N SER B 152 -6.01 -1.03 20.72
CA SER B 152 -6.01 -0.27 21.98
C SER B 152 -6.86 0.99 21.91
N GLN B 153 -7.09 1.49 20.70
CA GLN B 153 -7.89 2.69 20.48
C GLN B 153 -8.89 2.40 19.38
N PRO B 154 -10.02 3.13 19.36
CA PRO B 154 -11.04 2.91 18.31
C PRO B 154 -10.28 2.83 16.99
N ARG B 155 -10.65 1.86 16.17
CA ARG B 155 -9.97 1.64 14.90
C ARG B 155 -10.82 2.03 13.67
N HIS B 156 -10.27 2.85 12.78
CA HIS B 156 -10.99 3.20 11.55
C HIS B 156 -10.34 2.37 10.44
N ILE B 157 -11.13 1.46 9.86
CA ILE B 157 -10.66 0.53 8.86
C ILE B 157 -10.69 0.94 7.38
N SER B 158 -11.80 1.53 6.91
CA SER B 158 -11.88 1.93 5.50
C SER B 158 -11.23 3.30 5.33
N VAL B 159 -9.91 3.36 5.37
CA VAL B 159 -9.29 4.68 5.28
C VAL B 159 -9.10 5.24 3.88
N ALA B 160 -8.78 4.38 2.91
CA ALA B 160 -8.56 4.84 1.55
C ALA B 160 -9.52 4.16 0.58
N MET B 161 -10.70 4.76 0.45
CA MET B 161 -11.75 4.23 -0.41
C MET B 161 -11.64 4.73 -1.85
N ASP B 162 -11.76 3.80 -2.80
CA ASP B 162 -11.69 4.15 -4.21
C ASP B 162 -12.69 5.24 -4.59
N LYS B 163 -13.76 5.34 -3.83
CA LYS B 163 -14.83 6.34 -4.00
C LYS B 163 -14.29 7.76 -3.72
N PHE B 164 -13.40 7.89 -2.74
CA PHE B 164 -12.81 9.18 -2.39
C PHE B 164 -11.42 9.26 -2.99
N GLY B 165 -11.21 8.52 -4.08
CA GLY B 165 -9.92 8.54 -4.73
C GLY B 165 -8.79 7.98 -3.90
N PHE B 166 -9.08 6.92 -3.14
CA PHE B 166 -8.10 6.29 -2.28
C PHE B 166 -7.43 7.20 -1.27
N SER B 167 -8.20 8.11 -0.70
CA SER B 167 -7.65 9.00 0.32
C SER B 167 -8.72 9.35 1.34
N LEU B 168 -8.31 9.39 2.60
CA LEU B 168 -9.19 9.75 3.70
C LEU B 168 -9.72 11.16 3.38
N PRO B 169 -11.05 11.35 3.36
CA PRO B 169 -11.57 12.68 3.06
C PRO B 169 -11.24 13.81 4.07
N TYR B 170 -11.09 13.47 5.33
CA TYR B 170 -10.72 14.43 6.37
C TYR B 170 -10.28 13.61 7.56
N VAL B 171 -9.36 14.15 8.36
CA VAL B 171 -8.79 13.41 9.48
C VAL B 171 -9.81 12.95 10.51
N GLN B 172 -10.95 13.63 10.57
CA GLN B 172 -11.99 13.28 11.54
C GLN B 172 -13.03 12.32 10.98
N TYR B 173 -12.81 11.80 9.76
CA TYR B 173 -13.80 10.90 9.13
C TYR B 173 -13.78 9.49 9.74
N PHE B 174 -14.93 9.02 10.16
CA PHE B 174 -15.04 7.70 10.78
C PHE B 174 -16.12 6.82 10.13
N GLY B 175 -16.47 7.13 8.88
CA GLY B 175 -17.50 6.36 8.21
C GLY B 175 -16.98 5.16 7.46
N GLY B 176 -17.90 4.32 6.99
CA GLY B 176 -17.49 3.14 6.24
C GLY B 176 -17.34 1.89 7.10
N VAL B 177 -16.11 1.58 7.52
CA VAL B 177 -15.84 0.41 8.35
C VAL B 177 -15.02 0.77 9.57
N SER B 178 -15.52 0.42 10.74
CA SER B 178 -14.77 0.74 11.95
C SER B 178 -14.86 -0.42 12.93
N ALA B 179 -13.96 -0.43 13.91
CA ALA B 179 -13.92 -1.48 14.90
C ALA B 179 -13.74 -0.92 16.32
N LEU B 180 -14.65 -1.27 17.23
CA LEU B 180 -14.50 -0.82 18.62
C LEU B 180 -14.59 -2.03 19.55
N SER B 181 -13.70 -2.10 20.53
CA SER B 181 -13.75 -3.18 21.52
C SER B 181 -15.04 -2.95 22.30
N LYS B 182 -15.46 -3.96 23.05
CA LYS B 182 -16.68 -3.85 23.85
C LYS B 182 -16.62 -2.65 24.80
N GLN B 183 -15.47 -2.46 25.46
CA GLN B 183 -15.26 -1.34 26.39
C GLN B 183 -15.32 0.02 25.71
N GLN B 184 -14.68 0.14 24.53
CA GLN B 184 -14.68 1.41 23.83
C GLN B 184 -16.12 1.78 23.51
N PHE B 185 -16.88 0.80 23.05
CA PHE B 185 -18.29 1.01 22.68
C PHE B 185 -19.14 1.40 23.90
N LEU B 186 -18.94 0.66 24.98
CA LEU B 186 -19.66 0.91 26.23
C LEU B 186 -19.33 2.32 26.74
N SER B 187 -18.05 2.66 26.70
CA SER B 187 -17.56 3.94 27.17
C SER B 187 -18.24 5.17 26.52
N ILE B 188 -18.73 5.04 25.29
CA ILE B 188 -19.39 6.18 24.63
C ILE B 188 -20.92 6.04 24.63
N ASN B 189 -21.44 5.11 25.42
CA ASN B 189 -22.89 4.85 25.46
C ASN B 189 -23.32 4.41 24.06
N GLY B 190 -22.44 3.69 23.38
CA GLY B 190 -22.74 3.23 22.04
C GLY B 190 -22.93 4.37 21.04
N PHE B 191 -23.67 4.08 19.98
CA PHE B 191 -23.91 5.04 18.91
C PHE B 191 -25.26 5.72 19.07
N PRO B 192 -25.46 6.87 18.39
CA PRO B 192 -26.73 7.60 18.48
C PRO B 192 -27.87 6.86 17.79
N ASN B 193 -29.09 7.06 18.32
CA ASN B 193 -30.30 6.44 17.77
C ASN B 193 -31.11 7.50 17.00
N ASN B 194 -30.85 8.77 17.30
CA ASN B 194 -31.59 9.87 16.67
C ASN B 194 -31.17 10.41 15.30
N TYR B 195 -30.29 9.72 14.59
CA TYR B 195 -29.90 10.21 13.26
C TYR B 195 -30.66 9.45 12.17
N TRP B 196 -31.73 10.06 11.68
CA TRP B 196 -32.55 9.47 10.63
C TRP B 196 -32.15 9.95 9.25
N GLY B 197 -32.07 9.04 8.31
CA GLY B 197 -31.64 9.45 6.98
C GLY B 197 -30.12 9.52 6.91
N TRP B 198 -29.65 9.86 5.73
CA TRP B 198 -28.22 9.91 5.44
C TRP B 198 -27.36 10.98 6.12
N GLY B 199 -26.13 10.59 6.42
CA GLY B 199 -25.12 11.48 6.99
C GLY B 199 -25.09 11.98 8.42
N GLY B 200 -23.87 12.24 8.88
CA GLY B 200 -23.66 12.78 10.21
C GLY B 200 -23.45 11.82 11.36
N GLU B 201 -24.04 10.63 11.30
CA GLU B 201 -23.91 9.72 12.42
C GLU B 201 -22.47 9.33 12.69
N ASP B 202 -21.66 9.22 11.64
CA ASP B 202 -20.26 8.87 11.82
C ASP B 202 -19.49 9.99 12.49
N ASP B 203 -19.86 11.25 12.20
CA ASP B 203 -19.20 12.40 12.82
C ASP B 203 -19.61 12.49 14.30
N ASP B 204 -20.86 12.11 14.59
CA ASP B 204 -21.35 12.11 15.97
C ASP B 204 -20.52 11.08 16.74
N ILE B 205 -20.36 9.89 16.17
CA ILE B 205 -19.57 8.85 16.82
C ILE B 205 -18.12 9.30 17.03
N TYR B 206 -17.57 9.98 16.03
CA TYR B 206 -16.21 10.49 16.14
C TYR B 206 -16.12 11.43 17.35
N ASN B 207 -17.11 12.32 17.49
CA ASN B 207 -17.14 13.27 18.61
C ASN B 207 -17.24 12.58 19.97
N ARG B 208 -17.92 11.44 20.03
CA ARG B 208 -18.07 10.75 21.30
C ARG B 208 -16.76 10.13 21.71
N LEU B 209 -16.06 9.51 20.77
CA LEU B 209 -14.79 8.89 21.09
C LEU B 209 -13.82 9.94 21.65
N ALA B 210 -13.77 11.10 20.99
CA ALA B 210 -12.90 12.19 21.42
C ALA B 210 -13.27 12.71 22.83
N PHE B 211 -14.58 12.93 23.06
CA PHE B 211 -15.03 13.41 24.37
C PHE B 211 -14.64 12.42 25.46
N ARG B 212 -14.56 11.14 25.12
CA ARG B 212 -14.19 10.14 26.12
C ARG B 212 -12.70 9.95 26.11
N GLY B 213 -11.98 10.91 25.52
CA GLY B 213 -10.53 10.86 25.50
C GLY B 213 -9.83 9.81 24.67
N MET B 214 -10.47 9.35 23.60
CA MET B 214 -9.84 8.37 22.71
C MET B 214 -9.42 9.03 21.39
N SER B 215 -8.41 8.44 20.73
CA SER B 215 -7.94 8.93 19.43
C SER B 215 -8.25 7.78 18.48
N VAL B 216 -8.21 8.04 17.18
CA VAL B 216 -8.55 7.03 16.20
C VAL B 216 -7.31 6.36 15.62
N SER B 217 -7.24 5.04 15.75
CA SER B 217 -6.13 4.27 15.21
C SER B 217 -6.48 3.87 13.75
N ARG B 218 -5.52 3.95 12.84
CA ARG B 218 -5.74 3.59 11.43
C ARG B 218 -4.49 2.99 10.82
N PRO B 219 -4.67 2.08 9.86
CA PRO B 219 -3.49 1.48 9.20
C PRO B 219 -3.11 2.56 8.18
N ASN B 220 -1.91 2.54 7.63
CA ASN B 220 -1.60 3.59 6.65
C ASN B 220 -2.53 3.46 5.43
N ALA B 221 -2.50 4.47 4.55
CA ALA B 221 -3.39 4.48 3.41
C ALA B 221 -3.14 3.47 2.31
N VAL B 222 -2.03 2.75 2.35
CA VAL B 222 -1.78 1.72 1.32
C VAL B 222 -2.47 0.45 1.81
N ILE B 223 -2.19 0.08 3.06
CA ILE B 223 -2.75 -1.09 3.76
C ILE B 223 -4.27 -0.95 3.89
N GLY B 224 -4.72 0.29 4.04
CA GLY B 224 -6.14 0.56 4.21
C GLY B 224 -6.98 0.81 2.97
N LYS B 225 -6.50 0.41 1.78
CA LYS B 225 -7.26 0.59 0.55
C LYS B 225 -8.50 -0.30 0.55
N CYS B 226 -9.62 0.23 0.10
CA CYS B 226 -10.89 -0.50 0.06
C CYS B 226 -11.67 -0.05 -1.16
N ARG B 227 -12.50 -0.94 -1.66
CA ARG B 227 -13.34 -0.61 -2.80
C ARG B 227 -14.77 -0.56 -2.30
N MET B 228 -15.54 0.37 -2.85
CA MET B 228 -16.94 0.49 -2.50
C MET B 228 -17.71 0.19 -3.78
N ILE B 229 -18.66 -0.73 -3.71
CA ILE B 229 -19.45 -1.04 -4.88
C ILE B 229 -20.17 0.25 -5.27
N ARG B 230 -20.16 0.58 -6.56
CA ARG B 230 -20.78 1.80 -7.05
C ARG B 230 -22.31 1.69 -6.91
N HIS B 231 -22.98 2.76 -6.51
CA HIS B 231 -24.43 2.70 -6.35
C HIS B 231 -25.07 4.09 -6.21
N SER B 232 -26.36 4.16 -6.50
CA SER B 232 -27.12 5.41 -6.39
C SER B 232 -27.66 5.53 -4.97
N ARG B 233 -28.17 6.70 -4.63
CA ARG B 233 -28.70 6.90 -3.30
C ARG B 233 -30.04 6.17 -3.16
N ASP B 234 -30.34 5.74 -1.92
CA ASP B 234 -31.58 5.03 -1.63
C ASP B 234 -32.67 5.99 -1.19
N LYS B 235 -33.89 5.72 -1.62
CA LYS B 235 -35.01 6.54 -1.21
C LYS B 235 -35.19 6.14 0.25
N LYS B 236 -35.69 7.04 1.08
CA LYS B 236 -35.86 6.74 2.49
C LYS B 236 -34.53 6.88 3.25
N ASN B 237 -33.48 7.28 2.54
CA ASN B 237 -32.19 7.54 3.17
C ASN B 237 -31.60 8.79 2.54
N GLU B 238 -32.43 9.83 2.42
CA GLU B 238 -32.00 11.10 1.85
C GLU B 238 -31.23 11.89 2.90
N PRO B 239 -30.33 12.79 2.48
CA PRO B 239 -29.56 13.58 3.45
C PRO B 239 -30.41 14.16 4.57
N ASN B 240 -30.01 13.86 5.80
CA ASN B 240 -30.69 14.34 6.99
C ASN B 240 -30.39 15.83 7.18
N PRO B 241 -31.41 16.68 7.00
CA PRO B 241 -31.33 18.14 7.13
C PRO B 241 -30.85 18.65 8.49
N GLN B 242 -31.03 17.84 9.53
CA GLN B 242 -30.64 18.23 10.89
C GLN B 242 -29.28 17.71 11.31
N ARG B 243 -28.60 17.01 10.40
CA ARG B 243 -27.32 16.42 10.76
C ARG B 243 -26.27 17.37 11.33
N PHE B 244 -26.06 18.51 10.69
CA PHE B 244 -25.05 19.44 11.21
C PHE B 244 -25.38 20.03 12.57
N ASP B 245 -26.65 20.28 12.85
CA ASP B 245 -27.03 20.83 14.14
C ASP B 245 -26.84 19.75 15.20
N ARG B 246 -27.20 18.52 14.85
CA ARG B 246 -27.04 17.40 15.77
C ARG B 246 -25.57 17.16 16.11
N ILE B 247 -24.72 17.22 15.09
CA ILE B 247 -23.31 17.00 15.32
C ILE B 247 -22.71 18.02 16.31
N ALA B 248 -23.25 19.23 16.33
CA ALA B 248 -22.75 20.26 17.24
C ALA B 248 -23.09 20.07 18.72
N HIS B 249 -24.01 19.15 19.02
CA HIS B 249 -24.40 18.91 20.41
C HIS B 249 -24.07 17.55 21.00
N THR B 250 -23.38 16.72 20.23
CA THR B 250 -23.02 15.38 20.68
C THR B 250 -22.66 15.30 22.16
N LYS B 251 -21.83 16.24 22.64
CA LYS B 251 -21.40 16.20 24.02
C LYS B 251 -22.55 16.08 25.03
N GLU B 252 -23.66 16.75 24.74
CA GLU B 252 -24.79 16.68 25.65
C GLU B 252 -25.74 15.52 25.35
N THR B 253 -25.94 15.21 24.07
CA THR B 253 -26.86 14.14 23.69
C THR B 253 -26.34 12.71 23.85
N MET B 254 -25.03 12.51 23.73
CA MET B 254 -24.49 11.16 23.85
C MET B 254 -24.84 10.53 25.20
N LEU B 255 -25.03 11.38 26.20
CA LEU B 255 -25.38 10.93 27.54
C LEU B 255 -26.78 10.33 27.59
N SER B 256 -27.68 10.83 26.73
CA SER B 256 -29.06 10.36 26.76
C SER B 256 -29.56 9.61 25.52
N ASP B 257 -28.75 9.57 24.47
CA ASP B 257 -29.14 8.85 23.26
C ASP B 257 -28.04 7.87 22.92
N GLY B 258 -28.29 6.61 23.20
CA GLY B 258 -27.29 5.58 22.94
C GLY B 258 -27.80 4.22 23.34
N LEU B 259 -26.88 3.36 23.78
CA LEU B 259 -27.25 2.02 24.19
C LEU B 259 -28.27 2.09 25.33
N ASN B 260 -28.13 3.12 26.16
CA ASN B 260 -29.02 3.29 27.30
C ASN B 260 -30.44 3.76 26.99
N SER B 261 -30.74 4.02 25.73
CA SER B 261 -32.09 4.45 25.37
C SER B 261 -32.54 3.69 24.14
N LEU B 262 -31.80 2.65 23.78
CA LEU B 262 -32.14 1.84 22.61
C LEU B 262 -33.38 0.97 22.84
N THR B 263 -34.35 1.08 21.94
CA THR B 263 -35.54 0.26 22.05
C THR B 263 -35.85 -0.19 20.65
N TYR B 264 -36.31 -1.42 20.52
CA TYR B 264 -36.63 -1.94 19.20
C TYR B 264 -37.34 -3.28 19.35
N MET B 265 -37.92 -3.75 18.26
CA MET B 265 -38.59 -5.03 18.30
C MET B 265 -38.02 -5.98 17.25
N VAL B 266 -37.69 -7.19 17.68
CA VAL B 266 -37.18 -8.20 16.77
C VAL B 266 -38.37 -8.87 16.10
N LEU B 267 -38.37 -8.89 14.77
CA LEU B 267 -39.47 -9.50 14.03
C LEU B 267 -39.11 -10.88 13.47
N GLU B 268 -37.82 -11.12 13.28
CA GLU B 268 -37.34 -12.41 12.76
C GLU B 268 -35.83 -12.57 12.88
N VAL B 269 -35.39 -13.78 13.22
CA VAL B 269 -33.98 -14.09 13.31
C VAL B 269 -33.75 -15.25 12.34
N GLN B 270 -32.90 -15.00 11.34
CA GLN B 270 -32.58 -15.99 10.31
C GLN B 270 -31.14 -16.42 10.38
N ARG B 271 -30.95 -17.73 10.51
CA ARG B 271 -29.61 -18.28 10.54
C ARG B 271 -29.39 -18.93 9.19
N TYR B 272 -28.47 -18.35 8.42
CA TYR B 272 -28.09 -18.89 7.12
C TYR B 272 -26.71 -19.45 7.35
N PRO B 273 -26.29 -20.39 6.50
CA PRO B 273 -24.95 -20.93 6.73
C PRO B 273 -23.85 -19.84 6.76
N LEU B 274 -23.98 -18.79 5.95
CA LEU B 274 -22.98 -17.72 5.91
C LEU B 274 -23.20 -16.49 6.81
N TYR B 275 -24.40 -16.37 7.39
CA TYR B 275 -24.64 -15.21 8.23
C TYR B 275 -25.98 -15.25 8.96
N THR B 276 -26.10 -14.39 9.97
CA THR B 276 -27.32 -14.26 10.74
C THR B 276 -27.98 -12.95 10.31
N LYS B 277 -29.23 -13.05 9.88
CA LYS B 277 -30.00 -11.89 9.44
C LYS B 277 -31.11 -11.62 10.47
N ILE B 278 -30.99 -10.50 11.17
CA ILE B 278 -31.95 -10.10 12.19
C ILE B 278 -32.83 -8.95 11.70
N THR B 279 -34.12 -9.21 11.50
CA THR B 279 -35.01 -8.17 11.02
C THR B 279 -35.65 -7.46 12.20
N VAL B 280 -35.50 -6.14 12.24
CA VAL B 280 -36.01 -5.34 13.34
C VAL B 280 -36.87 -4.16 12.94
N ASP B 281 -37.74 -3.79 13.87
CA ASP B 281 -38.63 -2.65 13.72
C ASP B 281 -37.98 -1.65 14.66
N ILE B 282 -37.38 -0.59 14.13
CA ILE B 282 -36.71 0.37 15.00
C ILE B 282 -37.42 1.71 15.18
N GLY B 283 -38.70 1.77 14.82
CA GLY B 283 -39.45 2.99 15.01
C GLY B 283 -39.34 3.94 13.84
N THR B 284 -39.68 5.20 14.10
CA THR B 284 -39.68 6.23 13.07
C THR B 284 -39.14 7.54 13.63
N PRO B 285 -38.76 8.49 12.76
CA PRO B 285 -38.24 9.79 13.20
C PRO B 285 -39.18 10.38 14.26
N SER B 286 -38.68 10.45 15.49
CA SER B 286 -39.45 10.95 16.63
C SER B 286 -39.53 12.47 16.71
N THR C 1 2.70 4.70 -7.01
CA THR C 1 3.23 4.36 -8.36
C THR C 1 4.76 4.41 -8.37
N GLU C 2 5.36 3.56 -9.18
CA GLU C 2 6.81 3.54 -9.33
C GLU C 2 7.02 4.42 -10.55
N LEU C 3 7.44 5.65 -10.32
CA LEU C 3 7.63 6.56 -11.43
C LEU C 3 8.95 6.34 -12.13
N THR C 4 9.11 7.00 -13.27
CA THR C 4 10.36 6.92 -14.01
C THR C 4 11.15 8.16 -13.66
N LYS C 5 12.42 8.18 -14.04
CA LYS C 5 13.29 9.32 -13.77
C LYS C 5 12.71 10.60 -14.39
N CYS C 6 12.30 10.55 -15.65
CA CYS C 6 11.75 11.73 -16.29
C CYS C 6 10.46 12.19 -15.59
N LYS C 7 9.58 11.27 -15.23
CA LYS C 7 8.35 11.65 -14.54
C LYS C 7 8.71 12.36 -13.23
N VAL C 8 9.63 11.77 -12.46
CA VAL C 8 10.04 12.37 -11.20
C VAL C 8 10.58 13.77 -11.44
N SER C 9 11.52 13.88 -12.37
CA SER C 9 12.16 15.15 -12.72
C SER C 9 11.17 16.24 -13.06
N HIS C 10 10.22 15.91 -13.91
CA HIS C 10 9.19 16.85 -14.32
C HIS C 10 8.32 17.23 -13.10
N ALA C 11 7.85 16.23 -12.37
CA ALA C 11 6.98 16.44 -11.20
C ALA C 11 7.54 17.33 -10.10
N ILE C 12 8.85 17.26 -9.86
CA ILE C 12 9.47 18.04 -8.81
C ILE C 12 10.17 19.32 -9.26
N LYS C 13 9.91 19.77 -10.50
CA LYS C 13 10.52 21.00 -11.02
C LYS C 13 10.62 22.10 -9.98
N ASP C 14 9.52 22.32 -9.26
CA ASP C 14 9.43 23.36 -8.24
C ASP C 14 10.52 23.36 -7.17
N ILE C 15 11.13 22.21 -6.92
CA ILE C 15 12.14 22.12 -5.89
C ILE C 15 13.54 22.44 -6.42
N ASP C 16 13.66 22.55 -7.73
CA ASP C 16 14.95 22.82 -8.35
C ASP C 16 15.62 24.09 -7.84
N GLY C 17 16.85 23.94 -7.36
CA GLY C 17 17.59 25.08 -6.86
C GLY C 17 17.53 25.34 -5.38
N TYR C 18 16.42 24.98 -4.72
CA TYR C 18 16.30 25.22 -3.29
C TYR C 18 17.43 24.61 -2.49
N GLN C 19 18.07 25.45 -1.69
CA GLN C 19 19.18 25.03 -0.86
C GLN C 19 20.34 24.59 -1.77
N GLY C 20 20.27 25.01 -3.03
CA GLY C 20 21.33 24.69 -3.97
C GLY C 20 21.40 23.27 -4.51
N ILE C 21 20.31 22.51 -4.34
CA ILE C 21 20.25 21.14 -4.82
C ILE C 21 19.58 21.19 -6.19
N SER C 22 20.21 20.57 -7.20
CA SER C 22 19.65 20.60 -8.55
C SER C 22 18.77 19.40 -8.78
N LEU C 23 18.05 19.42 -9.90
CA LEU C 23 17.20 18.30 -10.28
C LEU C 23 18.03 17.03 -10.53
N LEU C 24 19.29 17.17 -10.95
CA LEU C 24 20.12 16.01 -11.20
C LEU C 24 20.41 15.32 -9.87
N GLU C 25 20.76 16.13 -8.85
CA GLU C 25 21.04 15.60 -7.54
C GLU C 25 19.81 14.92 -6.94
N TRP C 26 18.63 15.51 -7.15
CA TRP C 26 17.38 14.94 -6.61
C TRP C 26 16.99 13.65 -7.31
N ALA C 27 17.16 13.62 -8.62
CA ALA C 27 16.83 12.40 -9.35
C ALA C 27 17.69 11.28 -8.75
N CYS C 28 18.95 11.59 -8.45
CA CYS C 28 19.85 10.60 -7.87
C CYS C 28 19.41 10.25 -6.44
N VAL C 29 19.22 11.27 -5.61
CA VAL C 29 18.80 11.04 -4.25
C VAL C 29 17.51 10.23 -4.13
N LEU C 30 16.50 10.60 -4.90
CA LEU C 30 15.21 9.92 -4.79
C LEU C 30 15.25 8.47 -5.26
N PHE C 31 16.09 8.17 -6.26
CA PHE C 31 16.17 6.79 -6.71
C PHE C 31 16.68 5.94 -5.53
N HIS C 32 17.71 6.41 -4.87
CA HIS C 32 18.26 5.67 -3.73
C HIS C 32 17.38 5.70 -2.50
N THR C 33 16.60 6.75 -2.36
CA THR C 33 15.74 6.90 -1.19
C THR C 33 14.48 6.03 -1.26
N SER C 34 13.79 6.05 -2.39
CA SER C 34 12.56 5.29 -2.50
C SER C 34 12.35 4.52 -3.81
N GLY C 35 13.38 4.44 -4.66
CA GLY C 35 13.21 3.76 -5.94
C GLY C 35 12.13 4.45 -6.79
N TYR C 36 11.83 5.70 -6.46
CA TYR C 36 10.80 6.48 -7.18
C TYR C 36 9.40 5.95 -6.87
N ASP C 37 9.26 5.21 -5.79
CA ASP C 37 7.98 4.64 -5.41
C ASP C 37 7.19 5.61 -4.54
N THR C 38 6.15 6.23 -5.08
CA THR C 38 5.34 7.19 -4.31
C THR C 38 4.62 6.57 -3.12
N GLN C 39 4.52 5.25 -3.09
CA GLN C 39 3.84 4.61 -1.98
C GLN C 39 4.80 3.89 -1.00
N ALA C 40 6.09 4.18 -1.13
CA ALA C 40 7.07 3.54 -0.25
C ALA C 40 6.80 3.81 1.23
N VAL C 41 6.76 2.73 2.00
CA VAL C 41 6.54 2.81 3.43
C VAL C 41 7.67 2.03 4.05
N VAL C 42 8.56 2.71 4.75
CA VAL C 42 9.71 2.05 5.34
C VAL C 42 9.93 2.36 6.81
N ASN C 43 10.07 1.30 7.60
CA ASN C 43 10.32 1.45 9.02
C ASN C 43 11.80 1.67 9.26
N ASP C 44 12.11 2.54 10.19
CA ASP C 44 13.49 2.78 10.55
C ASP C 44 13.51 2.10 11.90
N ASN C 45 14.08 2.77 12.90
CA ASN C 45 14.10 2.21 14.24
C ASN C 45 13.08 2.99 15.06
N GLY C 46 11.86 2.48 15.13
CA GLY C 46 10.83 3.18 15.89
C GLY C 46 9.91 4.07 15.08
N SER C 47 10.38 4.64 13.97
CA SER C 47 9.51 5.50 13.17
C SER C 47 9.31 4.95 11.74
N THR C 48 8.50 5.65 10.96
CA THR C 48 8.19 5.18 9.60
C THR C 48 8.40 6.33 8.62
N GLU C 49 8.96 6.01 7.46
CA GLU C 49 9.24 7.00 6.42
C GLU C 49 8.31 6.75 5.26
N TYR C 50 7.81 7.86 4.71
CA TYR C 50 6.78 7.84 3.67
C TYR C 50 6.98 8.47 2.32
N GLY C 51 6.56 7.73 1.31
CA GLY C 51 6.57 8.22 -0.05
C GLY C 51 7.88 8.48 -0.74
N LEU C 52 7.75 9.14 -1.89
CA LEU C 52 8.88 9.46 -2.75
C LEU C 52 10.08 10.02 -2.00
N PHE C 53 9.82 10.97 -1.11
CA PHE C 53 10.87 11.62 -0.35
C PHE C 53 11.26 10.93 0.94
N GLN C 54 10.47 9.91 1.31
CA GLN C 54 10.67 9.15 2.55
C GLN C 54 10.73 10.07 3.78
N ILE C 55 9.66 10.85 3.92
CA ILE C 55 9.50 11.79 5.01
C ILE C 55 9.05 11.00 6.24
N SER C 56 9.69 11.24 7.39
CA SER C 56 9.42 10.51 8.63
C SER C 56 8.27 11.02 9.54
N ASP C 57 7.52 10.09 10.13
CA ASP C 57 6.42 10.51 11.03
C ASP C 57 6.93 10.88 12.45
N ARG C 58 8.23 10.80 12.67
CA ARG C 58 8.77 11.16 13.98
C ARG C 58 8.63 12.67 14.25
N PHE C 59 9.02 13.50 13.28
CA PHE C 59 8.95 14.94 13.42
C PHE C 59 8.21 15.67 12.32
N TRP C 60 8.16 15.09 11.12
CA TRP C 60 7.60 15.81 9.99
C TRP C 60 6.17 15.70 9.56
N CYS C 61 5.59 14.49 9.61
CA CYS C 61 4.18 14.33 9.26
C CYS C 61 3.53 13.55 10.39
N LYS C 62 2.20 13.57 10.45
CA LYS C 62 1.51 12.86 11.51
C LYS C 62 0.94 11.54 11.04
N SER C 63 1.27 10.46 11.74
CA SER C 63 0.75 9.16 11.38
C SER C 63 -0.10 8.72 12.54
N SER C 64 -0.61 7.51 12.46
CA SER C 64 -1.44 6.95 13.50
C SER C 64 -0.58 6.54 14.70
N GLU C 65 0.72 6.36 14.48
CA GLU C 65 1.62 5.95 15.54
C GLU C 65 2.40 6.98 16.35
N PHE C 66 2.81 8.08 15.73
CA PHE C 66 3.58 9.06 16.47
C PHE C 66 2.81 10.30 16.85
N PRO C 67 1.88 10.18 17.82
CA PRO C 67 1.07 11.33 18.26
C PRO C 67 1.86 12.49 18.86
N GLU C 68 3.07 12.22 19.32
CA GLU C 68 3.87 13.32 19.89
C GLU C 68 4.68 14.02 18.80
N SER C 69 4.52 13.57 17.56
CA SER C 69 5.23 14.18 16.43
C SER C 69 4.90 15.67 16.38
N GLU C 70 5.91 16.48 16.08
CA GLU C 70 5.71 17.92 15.98
C GLU C 70 4.93 18.18 14.69
N ASN C 71 4.87 17.17 13.81
CA ASN C 71 4.17 17.28 12.54
C ASN C 71 4.53 18.62 11.97
N ILE C 72 5.83 18.86 11.82
CA ILE C 72 6.34 20.12 11.32
C ILE C 72 5.72 20.52 9.98
N CYS C 73 5.49 19.54 9.11
CA CYS C 73 4.89 19.84 7.83
C CYS C 73 3.39 20.08 7.87
N GLY C 74 2.78 19.89 9.04
CA GLY C 74 1.34 20.09 9.15
C GLY C 74 0.56 19.24 8.14
N ILE C 75 0.91 17.96 8.07
CA ILE C 75 0.24 17.07 7.16
C ILE C 75 0.21 15.62 7.64
N SER C 76 -0.85 14.92 7.25
CA SER C 76 -0.99 13.50 7.58
C SER C 76 0.03 12.75 6.72
N CYS C 77 0.76 11.81 7.29
CA CYS C 77 1.73 11.05 6.49
C CYS C 77 1.10 10.35 5.27
N ASP C 78 -0.20 10.00 5.38
CA ASP C 78 -0.88 9.32 4.28
C ASP C 78 -1.00 10.21 3.04
N LYS C 79 -0.88 11.53 3.23
CA LYS C 79 -0.95 12.43 2.08
C LYS C 79 0.36 12.30 1.28
N LEU C 80 1.34 11.60 1.84
CA LEU C 80 2.64 11.44 1.19
C LEU C 80 2.65 10.10 0.49
N LEU C 81 1.53 9.40 0.53
CA LEU C 81 1.47 8.11 -0.14
C LEU C 81 0.64 8.11 -1.40
N ASP C 82 0.27 9.27 -1.90
CA ASP C 82 -0.51 9.29 -3.15
C ASP C 82 0.36 9.78 -4.32
N ASP C 83 -0.27 9.99 -5.48
CA ASP C 83 0.45 10.42 -6.66
C ASP C 83 0.55 11.93 -6.88
N GLU C 84 -0.11 12.70 -6.03
CA GLU C 84 -0.06 14.16 -6.08
C GLU C 84 1.12 14.64 -5.22
N LEU C 85 2.27 14.85 -5.86
CA LEU C 85 3.49 15.26 -5.16
C LEU C 85 3.64 16.68 -4.65
N ASP C 86 2.71 17.58 -4.95
CA ASP C 86 2.89 18.95 -4.49
C ASP C 86 3.04 19.13 -2.98
N ASP C 87 2.28 18.40 -2.18
CA ASP C 87 2.45 18.54 -0.73
C ASP C 87 3.75 17.86 -0.25
N ASP C 88 4.17 16.79 -0.92
CA ASP C 88 5.41 16.11 -0.53
C ASP C 88 6.56 17.11 -0.71
N ILE C 89 6.53 17.81 -1.82
CA ILE C 89 7.54 18.80 -2.16
C ILE C 89 7.59 19.94 -1.15
N ALA C 90 6.41 20.46 -0.77
CA ALA C 90 6.36 21.54 0.20
C ALA C 90 6.96 21.05 1.53
N CYS C 91 6.71 19.79 1.89
CA CYS C 91 7.26 19.26 3.12
C CYS C 91 8.80 19.08 3.00
N ALA C 92 9.25 18.57 1.85
CA ALA C 92 10.69 18.41 1.62
C ALA C 92 11.37 19.78 1.75
N LYS C 93 10.73 20.83 1.24
CA LYS C 93 11.30 22.17 1.34
C LYS C 93 11.53 22.61 2.79
N LYS C 94 10.60 22.26 3.68
CA LYS C 94 10.73 22.62 5.10
C LYS C 94 11.89 21.86 5.71
N ILE C 95 12.05 20.61 5.28
CA ILE C 95 13.16 19.82 5.79
C ILE C 95 14.46 20.47 5.32
N LEU C 96 14.49 20.91 4.06
CA LEU C 96 15.69 21.55 3.52
C LEU C 96 16.06 22.84 4.27
N ALA C 97 15.05 23.63 4.62
CA ALA C 97 15.26 24.93 5.29
C ALA C 97 15.62 24.77 6.74
N ILE C 98 15.21 23.68 7.35
CA ILE C 98 15.47 23.44 8.76
C ILE C 98 16.65 22.49 9.02
N LYS C 99 16.60 21.30 8.42
CA LYS C 99 17.64 20.30 8.60
C LYS C 99 18.66 20.31 7.48
N GLY C 100 18.20 20.48 6.25
CA GLY C 100 19.12 20.51 5.13
C GLY C 100 19.16 19.17 4.38
N ILE C 101 19.89 19.14 3.27
CA ILE C 101 19.99 17.97 2.40
C ILE C 101 20.43 16.68 3.09
N ASP C 102 21.17 16.79 4.20
CA ASP C 102 21.64 15.60 4.87
C ASP C 102 20.56 14.75 5.54
N TYR C 103 19.35 15.28 5.62
CA TYR C 103 18.24 14.48 6.13
C TYR C 103 18.25 13.22 5.21
N TRP C 104 18.51 13.42 3.92
CA TRP C 104 18.55 12.32 2.94
C TRP C 104 19.93 11.67 2.98
N LYS C 105 20.01 10.53 3.65
CA LYS C 105 21.28 9.80 3.83
C LYS C 105 21.98 9.30 2.59
N ALA C 106 21.25 9.17 1.48
CA ALA C 106 21.85 8.71 0.25
C ALA C 106 22.66 9.79 -0.43
N TYR C 107 22.35 11.05 -0.15
CA TYR C 107 23.02 12.16 -0.84
C TYR C 107 24.56 12.19 -0.88
N LYS C 108 25.20 12.23 0.28
CA LYS C 108 26.65 12.30 0.29
C LYS C 108 27.34 11.08 -0.35
N PRO C 109 27.04 9.86 0.12
CA PRO C 109 27.72 8.71 -0.49
C PRO C 109 27.35 8.39 -1.94
N MET C 110 26.08 8.54 -2.30
CA MET C 110 25.64 8.13 -3.64
C MET C 110 25.54 9.20 -4.71
N CYS C 111 25.44 10.46 -4.32
CA CYS C 111 25.23 11.51 -5.31
C CYS C 111 26.21 12.67 -5.26
N SER C 112 27.46 12.42 -4.92
CA SER C 112 28.47 13.47 -4.86
C SER C 112 29.26 13.60 -6.16
N GLU C 113 28.88 12.81 -7.16
CA GLU C 113 29.54 12.83 -8.44
C GLU C 113 28.70 12.14 -9.50
N LYS C 114 29.16 12.24 -10.75
CA LYS C 114 28.49 11.60 -11.87
C LYS C 114 27.01 11.93 -11.90
N LEU C 115 26.71 13.22 -11.94
CA LEU C 115 25.34 13.71 -11.95
C LEU C 115 24.71 13.74 -13.31
N GLU C 116 25.53 13.86 -14.36
CA GLU C 116 24.99 13.96 -15.72
C GLU C 116 24.12 12.75 -16.11
N GLN C 117 24.47 11.56 -15.62
CA GLN C 117 23.69 10.37 -15.92
C GLN C 117 22.28 10.48 -15.32
N TRP C 118 22.07 11.35 -14.35
CA TRP C 118 20.75 11.44 -13.75
C TRP C 118 19.83 12.41 -14.46
N ARG C 119 20.29 12.99 -15.56
CA ARG C 119 19.44 13.92 -16.29
C ARG C 119 18.41 13.19 -17.14
N CYS C 120 17.20 13.73 -17.21
CA CYS C 120 16.18 13.11 -18.05
C CYS C 120 16.54 13.54 -19.48
N GLU C 121 16.91 12.59 -20.33
CA GLU C 121 17.28 12.92 -21.70
C GLU C 121 16.07 13.18 -22.57
N LYS C 122 14.99 12.46 -22.30
CA LYS C 122 13.76 12.59 -23.06
C LYS C 122 13.62 14.01 -23.64
N PRO C 123 13.52 14.11 -24.98
CA PRO C 123 13.40 15.42 -25.67
C PRO C 123 12.27 16.33 -25.17
N LEU D 15 37.83 -33.70 -28.62
CA LEU D 15 37.06 -32.43 -28.56
C LEU D 15 37.97 -31.19 -28.48
N THR D 16 37.58 -30.17 -29.23
CA THR D 16 38.31 -28.91 -29.28
C THR D 16 37.62 -27.94 -28.31
N ALA D 17 38.12 -26.72 -28.24
CA ALA D 17 37.53 -25.70 -27.38
C ALA D 17 36.29 -25.16 -28.10
N CYS D 18 35.23 -24.91 -27.35
CA CYS D 18 33.99 -24.37 -27.92
C CYS D 18 34.35 -23.05 -28.60
N PRO D 19 33.54 -22.62 -29.58
CA PRO D 19 33.89 -21.35 -30.23
C PRO D 19 33.72 -20.20 -29.25
N GLU D 20 34.39 -19.09 -29.50
CA GLU D 20 34.30 -17.92 -28.64
C GLU D 20 32.81 -17.64 -28.42
N GLU D 21 32.05 -17.56 -29.50
CA GLU D 21 30.61 -17.34 -29.36
C GLU D 21 29.89 -18.61 -29.83
N SER D 22 28.79 -18.95 -29.15
CA SER D 22 28.02 -20.13 -29.49
C SER D 22 27.11 -19.95 -30.72
N PRO D 23 27.05 -20.98 -31.58
CA PRO D 23 26.25 -21.01 -32.82
C PRO D 23 24.82 -21.43 -32.56
N LEU D 24 24.52 -21.76 -31.30
CA LEU D 24 23.18 -22.20 -30.92
C LEU D 24 22.26 -21.06 -30.47
N LEU D 25 22.83 -19.89 -30.19
CA LEU D 25 22.08 -18.71 -29.71
C LEU D 25 20.86 -18.32 -30.57
N VAL D 26 19.71 -18.07 -29.94
CA VAL D 26 18.52 -17.64 -30.70
C VAL D 26 18.23 -16.16 -30.58
N GLY D 27 18.88 -15.50 -29.63
CA GLY D 27 18.67 -14.07 -29.44
C GLY D 27 17.54 -13.75 -28.47
N PRO D 28 16.67 -12.76 -28.80
CA PRO D 28 15.54 -12.32 -27.96
C PRO D 28 14.47 -13.39 -27.70
N MET D 29 14.02 -13.48 -26.46
CA MET D 29 13.01 -14.48 -26.09
C MET D 29 11.82 -13.87 -25.36
N LEU D 30 10.68 -14.53 -25.46
CA LEU D 30 9.46 -14.08 -24.77
C LEU D 30 9.49 -14.61 -23.33
N ILE D 31 9.71 -13.73 -22.35
CA ILE D 31 9.74 -14.17 -20.96
C ILE D 31 8.40 -13.82 -20.31
N GLU D 32 7.71 -14.84 -19.81
CA GLU D 32 6.41 -14.65 -19.14
C GLU D 32 6.33 -15.50 -17.87
N PHE D 33 5.63 -14.97 -16.88
CA PHE D 33 5.46 -15.67 -15.61
C PHE D 33 3.97 -15.89 -15.36
N ASN D 34 3.23 -16.22 -16.41
CA ASN D 34 1.79 -16.42 -16.29
C ASN D 34 1.40 -17.89 -16.33
N ILE D 35 2.30 -18.76 -16.77
CA ILE D 35 1.97 -20.18 -16.88
C ILE D 35 2.67 -21.05 -15.85
N PRO D 36 1.90 -21.90 -15.15
CA PRO D 36 2.47 -22.80 -14.15
C PRO D 36 3.60 -23.61 -14.75
N VAL D 37 4.65 -23.84 -13.97
CA VAL D 37 5.78 -24.61 -14.45
C VAL D 37 5.86 -25.86 -13.61
N ASP D 38 6.22 -26.96 -14.26
CA ASP D 38 6.34 -28.24 -13.59
C ASP D 38 7.79 -28.62 -13.77
N LEU D 39 8.51 -28.75 -12.66
CA LEU D 39 9.92 -29.12 -12.71
C LEU D 39 10.15 -30.48 -13.35
N LYS D 40 9.17 -31.38 -13.26
CA LYS D 40 9.34 -32.69 -13.87
C LYS D 40 9.35 -32.50 -15.38
N LEU D 41 8.58 -31.53 -15.85
CA LEU D 41 8.52 -31.23 -17.27
C LEU D 41 9.85 -30.56 -17.66
N VAL D 42 10.32 -29.65 -16.80
CA VAL D 42 11.58 -28.98 -17.09
C VAL D 42 12.69 -30.03 -17.17
N GLU D 43 12.64 -31.01 -16.26
CA GLU D 43 13.63 -32.07 -16.23
C GLU D 43 13.57 -32.85 -17.53
N GLN D 44 12.36 -32.96 -18.09
CA GLN D 44 12.16 -33.69 -19.34
C GLN D 44 12.74 -32.93 -20.52
N GLN D 45 12.46 -31.63 -20.57
CA GLN D 45 12.95 -30.79 -21.63
C GLN D 45 14.46 -30.59 -21.54
N ASN D 46 15.07 -30.97 -20.41
CA ASN D 46 16.51 -30.80 -20.23
C ASN D 46 17.23 -32.05 -19.72
N PRO D 47 17.13 -33.15 -20.50
CA PRO D 47 17.75 -34.45 -20.16
C PRO D 47 19.26 -34.46 -19.95
N LYS D 48 20.00 -33.56 -20.59
CA LYS D 48 21.45 -33.56 -20.41
C LYS D 48 21.92 -33.02 -19.06
N VAL D 49 21.04 -32.36 -18.33
CA VAL D 49 21.46 -31.84 -17.03
C VAL D 49 21.53 -33.00 -16.03
N LYS D 50 22.62 -33.08 -15.28
CA LYS D 50 22.81 -34.14 -14.31
C LYS D 50 22.39 -33.77 -12.88
N LEU D 51 22.28 -34.79 -12.04
CA LEU D 51 21.91 -34.66 -10.62
C LEU D 51 22.67 -33.50 -9.99
N GLY D 52 21.93 -32.62 -9.31
CA GLY D 52 22.55 -31.48 -8.67
C GLY D 52 22.55 -30.25 -9.55
N GLY D 53 21.96 -30.35 -10.73
CA GLY D 53 21.91 -29.22 -11.65
C GLY D 53 23.23 -28.95 -12.35
N ARG D 54 23.92 -30.00 -12.76
CA ARG D 54 25.18 -29.89 -13.46
C ARG D 54 25.06 -30.17 -14.96
N TYR D 55 25.79 -29.40 -15.76
CA TYR D 55 25.78 -29.59 -17.20
C TYR D 55 27.15 -29.32 -17.78
N THR D 56 27.56 -30.18 -18.69
CA THR D 56 28.85 -30.03 -19.36
C THR D 56 28.64 -30.39 -20.82
N PRO D 57 29.06 -29.50 -21.74
CA PRO D 57 28.91 -29.77 -23.18
C PRO D 57 29.62 -31.06 -23.61
N MET D 58 28.95 -31.89 -24.40
CA MET D 58 29.57 -33.13 -24.87
C MET D 58 30.28 -32.86 -26.20
N ASP D 59 29.94 -31.74 -26.83
CA ASP D 59 30.48 -31.30 -28.14
C ASP D 59 31.85 -30.64 -28.17
N CYS D 60 32.14 -29.81 -27.19
CA CYS D 60 33.39 -29.09 -27.16
C CYS D 60 33.80 -28.84 -25.71
N ILE D 61 35.04 -28.42 -25.52
CA ILE D 61 35.52 -28.14 -24.19
C ILE D 61 35.29 -26.68 -23.89
N SER D 62 34.45 -26.40 -22.91
CA SER D 62 34.18 -25.03 -22.52
C SER D 62 35.23 -24.58 -21.52
N PRO D 63 35.74 -23.34 -21.70
CA PRO D 63 36.75 -22.73 -20.83
C PRO D 63 36.09 -22.09 -19.61
N HIS D 64 34.76 -22.05 -19.63
CA HIS D 64 33.97 -21.45 -18.55
C HIS D 64 33.37 -22.48 -17.61
N LYS D 65 34.00 -22.65 -16.44
CA LYS D 65 33.52 -23.57 -15.40
C LYS D 65 32.79 -22.63 -14.44
N VAL D 66 31.47 -22.56 -14.62
CA VAL D 66 30.63 -21.64 -13.86
C VAL D 66 29.72 -22.16 -12.76
N ALA D 67 29.84 -21.54 -11.60
CA ALA D 67 28.97 -21.86 -10.47
C ALA D 67 27.98 -20.70 -10.44
N ILE D 68 26.69 -21.00 -10.59
CA ILE D 68 25.67 -19.96 -10.55
C ILE D 68 25.07 -19.97 -9.14
N ILE D 69 25.38 -18.93 -8.37
CA ILE D 69 24.94 -18.82 -6.97
C ILE D 69 23.66 -18.00 -6.78
N ILE D 70 22.66 -18.63 -6.19
CA ILE D 70 21.39 -17.97 -5.95
C ILE D 70 21.06 -17.87 -4.46
N PRO D 71 21.02 -16.64 -3.90
CA PRO D 71 20.72 -16.42 -2.47
C PRO D 71 19.23 -16.75 -2.34
N PHE D 72 18.83 -17.46 -1.29
CA PHE D 72 17.45 -17.93 -1.22
C PHE D 72 16.77 -18.17 0.13
N ARG D 73 15.45 -17.98 0.14
CA ARG D 73 14.58 -18.29 1.27
C ARG D 73 13.15 -18.04 0.85
N ASN D 74 12.32 -19.08 0.91
CA ASN D 74 10.93 -18.94 0.51
C ASN D 74 10.66 -18.37 -0.88
N ARG D 75 11.43 -18.79 -1.87
CA ARG D 75 11.20 -18.28 -3.23
C ARG D 75 11.09 -19.44 -4.22
N GLN D 76 10.38 -20.49 -3.82
CA GLN D 76 10.21 -21.67 -4.66
C GLN D 76 9.50 -21.37 -5.96
N GLU D 77 8.38 -20.65 -5.91
CA GLU D 77 7.66 -20.34 -7.16
C GLU D 77 8.57 -19.58 -8.13
N HIS D 78 9.36 -18.64 -7.62
CA HIS D 78 10.27 -17.89 -8.48
C HIS D 78 11.33 -18.83 -9.08
N LEU D 79 11.90 -19.67 -8.23
CA LEU D 79 12.93 -20.61 -8.64
C LEU D 79 12.47 -21.55 -9.77
N LYS D 80 11.21 -21.95 -9.72
CA LYS D 80 10.64 -22.84 -10.75
C LYS D 80 10.73 -22.15 -12.11
N TYR D 81 10.40 -20.85 -12.14
CA TYR D 81 10.51 -20.08 -13.38
C TYR D 81 11.98 -19.86 -13.73
N TRP D 82 12.83 -19.68 -12.70
CA TRP D 82 14.24 -19.45 -12.98
C TRP D 82 14.83 -20.70 -13.67
N LEU D 83 14.49 -21.89 -13.15
CA LEU D 83 15.01 -23.12 -13.73
C LEU D 83 14.42 -23.34 -15.13
N TYR D 84 13.13 -23.04 -15.26
CA TYR D 84 12.43 -23.21 -16.53
C TYR D 84 13.09 -22.43 -17.65
N TYR D 85 13.47 -21.18 -17.40
CA TYR D 85 14.12 -20.36 -18.43
C TYR D 85 15.63 -20.47 -18.57
N LEU D 86 16.37 -20.52 -17.46
CA LEU D 86 17.82 -20.56 -17.54
C LEU D 86 18.49 -21.83 -18.01
N HIS D 87 17.99 -22.98 -17.60
CA HIS D 87 18.64 -24.22 -18.03
C HIS D 87 18.79 -24.31 -19.54
N PRO D 88 17.70 -24.08 -20.29
CA PRO D 88 17.84 -24.16 -21.76
C PRO D 88 18.88 -23.15 -22.24
N ILE D 89 18.80 -21.93 -21.71
CA ILE D 89 19.70 -20.85 -22.10
C ILE D 89 21.17 -21.14 -21.82
N LEU D 90 21.47 -21.55 -20.58
CA LEU D 90 22.85 -21.82 -20.18
C LEU D 90 23.49 -22.93 -21.02
N GLN D 91 22.66 -23.88 -21.44
CA GLN D 91 23.16 -24.96 -22.27
C GLN D 91 23.46 -24.42 -23.66
N ARG D 92 22.58 -23.58 -24.19
CA ARG D 92 22.82 -23.00 -25.52
C ARG D 92 24.10 -22.19 -25.46
N GLN D 93 24.39 -21.66 -24.28
CA GLN D 93 25.57 -20.83 -24.06
C GLN D 93 26.87 -21.63 -23.97
N GLN D 94 26.76 -22.94 -24.09
CA GLN D 94 27.91 -23.86 -24.05
C GLN D 94 28.81 -23.66 -22.84
N LEU D 95 28.18 -23.55 -21.67
CA LEU D 95 28.92 -23.39 -20.42
C LEU D 95 29.01 -24.72 -19.68
N ASP D 96 30.03 -24.85 -18.85
CA ASP D 96 30.26 -26.02 -18.01
C ASP D 96 29.78 -25.48 -16.64
N TYR D 97 28.50 -25.69 -16.33
CA TYR D 97 27.96 -25.11 -15.10
C TYR D 97 27.22 -25.97 -14.07
N GLY D 98 27.06 -25.37 -12.89
CA GLY D 98 26.34 -26.00 -11.79
C GLY D 98 25.44 -24.96 -11.12
N ILE D 99 24.24 -25.36 -10.71
CA ILE D 99 23.32 -24.44 -10.07
C ILE D 99 23.30 -24.65 -8.55
N TYR D 100 23.61 -23.60 -7.79
CA TYR D 100 23.60 -23.64 -6.33
C TYR D 100 22.59 -22.68 -5.69
N VAL D 101 21.63 -23.24 -4.97
CA VAL D 101 20.60 -22.48 -4.28
C VAL D 101 20.96 -22.43 -2.77
N ILE D 102 21.43 -21.28 -2.29
CA ILE D 102 21.83 -21.11 -0.90
C ILE D 102 20.66 -20.61 -0.06
N ASN D 103 20.04 -21.56 0.63
CA ASN D 103 18.85 -21.38 1.46
C ASN D 103 19.18 -20.97 2.92
N GLN D 104 18.72 -19.78 3.31
CA GLN D 104 18.99 -19.34 4.67
C GLN D 104 18.05 -20.04 5.65
N ALA D 105 18.61 -20.70 6.64
CA ALA D 105 17.79 -21.37 7.63
C ALA D 105 17.26 -20.33 8.62
N GLY D 106 16.14 -20.63 9.25
CA GLY D 106 15.58 -19.71 10.23
C GLY D 106 14.66 -18.64 9.68
N GLU D 107 14.29 -17.71 10.55
CA GLU D 107 13.37 -16.64 10.20
C GLU D 107 13.88 -15.26 10.61
N SER D 108 15.19 -15.09 10.71
CA SER D 108 15.77 -13.81 11.07
C SER D 108 16.03 -13.01 9.80
N MET D 109 16.57 -11.82 9.96
CA MET D 109 16.87 -10.95 8.82
C MET D 109 17.64 -11.65 7.70
N PHE D 110 17.17 -11.48 6.47
CA PHE D 110 17.80 -12.07 5.30
C PHE D 110 19.16 -11.40 5.11
N ASN D 111 20.11 -12.14 4.56
CA ASN D 111 21.43 -11.58 4.31
C ASN D 111 21.91 -12.07 2.94
N ARG D 112 21.48 -11.37 1.90
CA ARG D 112 21.85 -11.72 0.53
C ARG D 112 23.33 -11.95 0.29
N ALA D 113 24.18 -10.96 0.59
CA ALA D 113 25.61 -11.09 0.32
C ALA D 113 26.33 -12.19 1.11
N LYS D 114 25.89 -12.44 2.34
CA LYS D 114 26.50 -13.49 3.14
C LYS D 114 26.23 -14.86 2.50
N LEU D 115 25.01 -15.06 2.03
CA LEU D 115 24.65 -16.33 1.40
C LEU D 115 25.43 -16.50 0.09
N LEU D 116 25.72 -15.38 -0.59
CA LEU D 116 26.48 -15.47 -1.82
C LEU D 116 27.91 -15.96 -1.52
N ASN D 117 28.47 -15.51 -0.41
CA ASN D 117 29.82 -15.96 -0.01
C ASN D 117 29.76 -17.47 0.28
N VAL D 118 28.73 -17.89 0.97
CA VAL D 118 28.58 -19.30 1.32
C VAL D 118 28.53 -20.15 0.05
N GLY D 119 27.85 -19.65 -0.98
CA GLY D 119 27.75 -20.38 -2.23
C GLY D 119 29.11 -20.54 -2.89
N PHE D 120 29.91 -19.48 -2.84
CA PHE D 120 31.24 -19.51 -3.41
C PHE D 120 32.01 -20.67 -2.77
N LYS D 121 32.13 -20.64 -1.44
CA LYS D 121 32.86 -21.67 -0.71
C LYS D 121 32.34 -23.08 -0.91
N GLU D 122 31.03 -23.25 -0.82
CA GLU D 122 30.44 -24.57 -0.99
C GLU D 122 30.53 -25.13 -2.41
N ALA D 123 30.40 -24.28 -3.42
CA ALA D 123 30.47 -24.77 -4.80
C ALA D 123 31.88 -25.23 -5.08
N LEU D 124 32.85 -24.60 -4.42
CA LEU D 124 34.24 -24.93 -4.61
C LEU D 124 34.58 -26.37 -4.18
N LYS D 125 33.75 -26.93 -3.30
CA LYS D 125 33.92 -28.30 -2.82
C LYS D 125 33.44 -29.34 -3.84
N ASP D 126 32.66 -28.91 -4.83
CA ASP D 126 32.13 -29.81 -5.86
C ASP D 126 32.96 -29.93 -7.13
N TYR D 127 33.61 -28.85 -7.54
CA TYR D 127 34.30 -28.88 -8.82
C TYR D 127 35.20 -27.67 -8.85
N ASP D 128 36.17 -27.62 -9.77
CA ASP D 128 37.08 -26.48 -9.78
C ASP D 128 36.60 -25.35 -10.68
N TYR D 129 35.49 -24.74 -10.26
CA TYR D 129 34.90 -23.63 -10.97
C TYR D 129 35.92 -22.51 -10.98
N ASN D 130 35.94 -21.76 -12.07
CA ASN D 130 36.86 -20.63 -12.17
C ASN D 130 36.06 -19.36 -12.42
N CYS D 131 34.74 -19.48 -12.38
CA CYS D 131 33.85 -18.36 -12.64
C CYS D 131 32.55 -18.50 -11.84
N PHE D 132 32.12 -17.39 -11.22
CA PHE D 132 30.90 -17.39 -10.40
C PHE D 132 29.87 -16.34 -10.82
N VAL D 133 28.64 -16.78 -11.05
CA VAL D 133 27.58 -15.85 -11.40
C VAL D 133 26.70 -15.81 -10.16
N PHE D 134 26.43 -14.61 -9.66
CA PHE D 134 25.59 -14.45 -8.50
C PHE D 134 24.30 -13.87 -9.03
N SER D 135 23.20 -14.60 -8.85
CA SER D 135 21.94 -14.15 -9.42
C SER D 135 20.70 -14.19 -8.52
N ASP D 136 19.91 -13.13 -8.54
CA ASP D 136 18.67 -13.11 -7.78
C ASP D 136 17.84 -14.30 -8.35
N VAL D 137 16.98 -14.90 -7.54
CA VAL D 137 16.14 -16.03 -7.97
C VAL D 137 15.02 -15.60 -8.94
N ASP D 138 14.79 -14.30 -9.06
CA ASP D 138 13.69 -13.82 -9.88
C ASP D 138 14.06 -13.02 -11.13
N LEU D 139 15.32 -13.09 -11.54
CA LEU D 139 15.77 -12.38 -12.72
C LEU D 139 16.04 -13.36 -13.88
N ILE D 140 15.41 -13.08 -15.01
CA ILE D 140 15.50 -13.88 -16.24
C ILE D 140 16.01 -13.02 -17.38
N PRO D 141 17.10 -13.44 -18.05
CA PRO D 141 17.66 -12.68 -19.16
C PRO D 141 16.73 -12.80 -20.38
N MET D 142 16.57 -11.74 -21.14
CA MET D 142 15.67 -11.78 -22.30
C MET D 142 16.36 -12.08 -23.63
N ASN D 143 17.68 -12.20 -23.60
CA ASN D 143 18.43 -12.47 -24.83
C ASN D 143 19.59 -13.42 -24.52
N ASP D 144 19.59 -14.61 -25.15
CA ASP D 144 20.66 -15.55 -24.83
C ASP D 144 22.05 -15.15 -25.26
N HIS D 145 22.20 -13.96 -25.83
CA HIS D 145 23.52 -13.46 -26.18
C HIS D 145 24.17 -12.88 -24.90
N ASN D 146 23.36 -12.65 -23.87
CA ASN D 146 23.83 -12.09 -22.59
C ASN D 146 24.48 -13.26 -21.84
N THR D 147 25.74 -13.53 -22.15
CA THR D 147 26.44 -14.69 -21.60
C THR D 147 26.65 -14.75 -20.09
N TYR D 148 26.26 -15.88 -19.50
CA TYR D 148 26.43 -16.10 -18.07
C TYR D 148 27.80 -16.69 -17.77
N ARG D 149 28.82 -15.89 -18.00
CA ARG D 149 30.20 -16.29 -17.77
C ARG D 149 30.99 -15.10 -17.31
N CYS D 150 32.29 -15.31 -17.06
CA CYS D 150 33.19 -14.26 -16.61
C CYS D 150 33.98 -13.56 -17.71
N PHE D 151 34.37 -12.32 -17.45
CA PHE D 151 35.11 -11.50 -18.40
C PHE D 151 36.37 -10.90 -17.78
N SER D 152 37.19 -10.26 -18.59
CA SER D 152 38.45 -9.68 -18.09
C SER D 152 38.25 -8.79 -16.85
N GLN D 153 37.09 -8.15 -16.76
CA GLN D 153 36.71 -7.29 -15.61
C GLN D 153 35.37 -7.77 -15.05
N PRO D 154 35.07 -7.45 -13.78
CA PRO D 154 33.78 -7.87 -13.20
C PRO D 154 32.65 -7.56 -14.17
N ARG D 155 31.78 -8.54 -14.35
CA ARG D 155 30.67 -8.44 -15.29
C ARG D 155 29.28 -8.18 -14.69
N HIS D 156 28.61 -7.15 -15.14
CA HIS D 156 27.27 -6.89 -14.65
C HIS D 156 26.32 -7.32 -15.78
N ILE D 157 25.57 -8.38 -15.50
CA ILE D 157 24.69 -9.01 -16.47
C ILE D 157 23.27 -8.46 -16.62
N SER D 158 22.62 -8.09 -15.52
CA SER D 158 21.26 -7.58 -15.60
C SER D 158 21.27 -6.07 -15.78
N VAL D 159 21.70 -5.63 -16.96
CA VAL D 159 21.83 -4.22 -17.32
C VAL D 159 20.53 -3.44 -17.48
N ALA D 160 19.62 -3.95 -18.31
CA ALA D 160 18.35 -3.30 -18.59
C ALA D 160 17.15 -4.09 -18.06
N MET D 161 16.77 -3.80 -16.84
CA MET D 161 15.68 -4.52 -16.21
C MET D 161 14.32 -3.88 -16.48
N ASP D 162 13.33 -4.71 -16.78
CA ASP D 162 12.01 -4.19 -17.07
C ASP D 162 11.53 -3.29 -15.93
N LYS D 163 11.88 -3.64 -14.71
CA LYS D 163 11.49 -2.88 -13.53
C LYS D 163 12.07 -1.45 -13.54
N PHE D 164 13.15 -1.25 -14.27
CA PHE D 164 13.79 0.05 -14.33
C PHE D 164 13.68 0.68 -15.71
N GLY D 165 12.60 0.34 -16.40
CA GLY D 165 12.38 0.87 -17.74
C GLY D 165 13.34 0.38 -18.80
N PHE D 166 13.98 -0.77 -18.55
CA PHE D 166 14.94 -1.34 -19.50
C PHE D 166 16.14 -0.43 -19.69
N SER D 167 16.54 0.22 -18.61
CA SER D 167 17.70 1.09 -18.62
C SER D 167 18.47 0.93 -17.30
N LEU D 168 19.79 0.98 -17.40
CA LEU D 168 20.64 0.85 -16.23
C LEU D 168 20.29 2.00 -15.25
N PRO D 169 19.94 1.67 -14.00
CA PRO D 169 19.62 2.77 -13.07
C PRO D 169 20.74 3.80 -13.01
N TYR D 170 21.97 3.35 -12.81
CA TYR D 170 23.11 4.24 -12.81
C TYR D 170 24.35 3.42 -13.13
N VAL D 171 25.41 4.13 -13.47
CA VAL D 171 26.65 3.51 -13.88
C VAL D 171 27.37 2.69 -12.78
N GLN D 172 27.17 3.05 -11.52
CA GLN D 172 27.82 2.31 -10.44
C GLN D 172 26.90 1.18 -9.92
N TYR D 173 25.87 0.83 -10.69
CA TYR D 173 24.92 -0.20 -10.29
C TYR D 173 25.40 -1.63 -10.55
N PHE D 174 25.48 -2.44 -9.49
CA PHE D 174 25.95 -3.81 -9.61
C PHE D 174 24.97 -4.83 -9.04
N GLY D 175 23.68 -4.49 -8.99
CA GLY D 175 22.71 -5.42 -8.47
C GLY D 175 22.08 -6.34 -9.49
N GLY D 176 21.41 -7.39 -9.01
CA GLY D 176 20.71 -8.32 -9.88
C GLY D 176 21.50 -9.57 -10.20
N VAL D 177 22.16 -9.56 -11.35
CA VAL D 177 22.93 -10.70 -11.77
C VAL D 177 24.31 -10.20 -12.13
N SER D 178 25.33 -10.75 -11.50
CA SER D 178 26.70 -10.34 -11.78
C SER D 178 27.63 -11.53 -11.84
N ALA D 179 28.80 -11.32 -12.40
CA ALA D 179 29.75 -12.41 -12.49
C ALA D 179 31.15 -11.94 -12.16
N LEU D 180 31.86 -12.76 -11.39
CA LEU D 180 33.25 -12.50 -11.06
C LEU D 180 34.02 -13.83 -11.20
N SER D 181 35.25 -13.74 -11.69
CA SER D 181 36.09 -14.92 -11.81
C SER D 181 36.56 -15.24 -10.40
N LYS D 182 37.13 -16.42 -10.21
CA LYS D 182 37.62 -16.81 -8.89
C LYS D 182 38.58 -15.74 -8.41
N GLN D 183 39.51 -15.38 -9.28
CA GLN D 183 40.53 -14.38 -8.97
C GLN D 183 39.94 -13.01 -8.61
N GLN D 184 39.06 -12.49 -9.46
CA GLN D 184 38.43 -11.20 -9.19
C GLN D 184 37.78 -11.22 -7.79
N PHE D 185 36.96 -12.24 -7.55
CA PHE D 185 36.26 -12.39 -6.27
C PHE D 185 37.23 -12.48 -5.08
N LEU D 186 38.29 -13.26 -5.23
CA LEU D 186 39.27 -13.43 -4.17
C LEU D 186 40.00 -12.12 -3.89
N SER D 187 40.27 -11.34 -4.94
CA SER D 187 40.99 -10.08 -4.76
C SER D 187 40.24 -9.01 -3.97
N ILE D 188 38.93 -9.17 -3.79
CA ILE D 188 38.18 -8.19 -3.00
C ILE D 188 37.75 -8.76 -1.66
N ASN D 189 38.25 -9.95 -1.30
CA ASN D 189 37.91 -10.63 -0.04
C ASN D 189 36.42 -10.89 -0.09
N GLY D 190 35.97 -11.25 -1.29
CA GLY D 190 34.56 -11.54 -1.51
C GLY D 190 33.62 -10.41 -1.15
N PHE D 191 32.38 -10.78 -0.85
CA PHE D 191 31.34 -9.84 -0.50
C PHE D 191 31.23 -9.68 1.02
N PRO D 192 30.70 -8.53 1.48
CA PRO D 192 30.56 -8.29 2.92
C PRO D 192 29.56 -9.28 3.54
N ASN D 193 29.71 -9.55 4.83
CA ASN D 193 28.80 -10.45 5.54
C ASN D 193 27.95 -9.59 6.49
N ASN D 194 28.36 -8.35 6.67
CA ASN D 194 27.71 -7.45 7.61
C ASN D 194 26.50 -6.60 7.18
N TYR D 195 25.97 -6.86 5.99
CA TYR D 195 24.78 -6.17 5.52
C TYR D 195 23.55 -7.03 5.73
N TRP D 196 22.77 -6.74 6.78
CA TRP D 196 21.57 -7.51 7.06
C TRP D 196 20.37 -6.74 6.55
N GLY D 197 19.40 -7.45 5.98
CA GLY D 197 18.24 -6.79 5.44
C GLY D 197 18.52 -6.29 4.04
N TRP D 198 17.51 -5.67 3.45
CA TRP D 198 17.57 -5.17 2.08
C TRP D 198 18.40 -3.92 1.79
N GLY D 199 19.07 -3.94 0.65
CA GLY D 199 19.85 -2.82 0.17
C GLY D 199 21.27 -2.58 0.59
N GLY D 200 21.96 -1.82 -0.25
CA GLY D 200 23.34 -1.43 0.01
C GLY D 200 24.46 -2.40 -0.29
N GLU D 201 24.20 -3.71 -0.15
CA GLU D 201 25.27 -4.68 -0.35
C GLU D 201 25.89 -4.62 -1.75
N ASP D 202 25.06 -4.40 -2.78
CA ASP D 202 25.56 -4.29 -4.15
C ASP D 202 26.45 -3.05 -4.38
N ASP D 203 26.12 -1.93 -3.72
CA ASP D 203 26.96 -0.74 -3.86
C ASP D 203 28.30 -0.98 -3.15
N ASP D 204 28.25 -1.69 -2.03
CA ASP D 204 29.47 -1.99 -1.30
C ASP D 204 30.35 -2.86 -2.19
N ILE D 205 29.75 -3.82 -2.87
CA ILE D 205 30.52 -4.70 -3.75
C ILE D 205 31.14 -3.88 -4.87
N TYR D 206 30.36 -2.93 -5.41
CA TYR D 206 30.87 -2.06 -6.48
C TYR D 206 32.07 -1.29 -5.94
N ASN D 207 31.95 -0.77 -4.73
CA ASN D 207 33.06 -0.03 -4.14
C ASN D 207 34.28 -0.91 -4.04
N ARG D 208 34.10 -2.15 -3.59
CA ARG D 208 35.21 -3.09 -3.45
C ARG D 208 35.98 -3.24 -4.76
N LEU D 209 35.25 -3.48 -5.84
CA LEU D 209 35.85 -3.63 -7.16
C LEU D 209 36.72 -2.42 -7.49
N ALA D 210 36.15 -1.23 -7.34
CA ALA D 210 36.89 -0.01 -7.63
C ALA D 210 38.13 0.15 -6.74
N PHE D 211 38.00 -0.19 -5.46
CA PHE D 211 39.14 -0.09 -4.55
C PHE D 211 40.27 -1.06 -4.89
N ARG D 212 39.99 -2.06 -5.72
CA ARG D 212 41.02 -3.04 -6.10
C ARG D 212 41.38 -3.01 -7.58
N GLY D 213 41.41 -1.82 -8.16
CA GLY D 213 41.79 -1.64 -9.55
C GLY D 213 40.89 -2.21 -10.63
N MET D 214 39.67 -2.62 -10.31
CA MET D 214 38.76 -3.17 -11.33
C MET D 214 37.60 -2.26 -11.71
N SER D 215 37.09 -2.46 -12.91
CA SER D 215 35.96 -1.70 -13.44
C SER D 215 34.82 -2.66 -13.76
N VAL D 216 33.74 -2.17 -14.36
CA VAL D 216 32.62 -3.04 -14.65
C VAL D 216 32.39 -3.27 -16.14
N SER D 217 32.36 -4.53 -16.54
CA SER D 217 32.08 -4.87 -17.95
C SER D 217 30.58 -5.14 -18.06
N ARG D 218 29.97 -4.78 -19.19
CA ARG D 218 28.54 -5.00 -19.40
C ARG D 218 28.20 -5.23 -20.86
N PRO D 219 27.15 -6.00 -21.12
CA PRO D 219 26.71 -6.25 -22.50
C PRO D 219 26.00 -4.95 -22.92
N ASN D 220 25.77 -4.72 -24.20
CA ASN D 220 25.07 -3.50 -24.55
C ASN D 220 23.62 -3.67 -24.08
N ALA D 221 22.99 -2.54 -23.74
CA ALA D 221 21.62 -2.50 -23.24
C ALA D 221 20.61 -3.33 -24.02
N VAL D 222 20.82 -3.49 -25.32
CA VAL D 222 19.87 -4.29 -26.10
C VAL D 222 19.91 -5.73 -25.63
N ILE D 223 21.05 -6.39 -25.79
CA ILE D 223 21.11 -7.79 -25.40
C ILE D 223 21.06 -8.04 -23.88
N GLY D 224 21.19 -6.99 -23.08
CA GLY D 224 21.15 -7.11 -21.64
C GLY D 224 19.78 -6.92 -21.00
N LYS D 225 18.74 -6.86 -21.81
CA LYS D 225 17.39 -6.71 -21.26
C LYS D 225 17.05 -7.93 -20.38
N CYS D 226 16.41 -7.68 -19.24
CA CYS D 226 16.00 -8.74 -18.31
C CYS D 226 14.65 -8.49 -17.67
N ARG D 227 14.01 -9.56 -17.21
CA ARG D 227 12.72 -9.41 -16.53
C ARG D 227 12.87 -9.86 -15.07
N MET D 228 12.22 -9.15 -14.16
CA MET D 228 12.24 -9.55 -12.77
C MET D 228 10.79 -9.91 -12.45
N ILE D 229 10.57 -11.11 -11.91
CA ILE D 229 9.20 -11.50 -11.57
C ILE D 229 8.69 -10.43 -10.59
N ARG D 230 7.48 -9.93 -10.81
CA ARG D 230 6.96 -8.89 -9.90
C ARG D 230 6.59 -9.46 -8.55
N HIS D 231 7.09 -8.83 -7.50
CA HIS D 231 6.82 -9.35 -6.16
C HIS D 231 6.87 -8.23 -5.13
N SER D 232 6.24 -8.46 -3.99
CA SER D 232 6.26 -7.48 -2.92
C SER D 232 7.49 -7.79 -2.10
N ARG D 233 7.86 -6.88 -1.20
CA ARG D 233 9.04 -7.03 -0.35
C ARG D 233 8.82 -8.17 0.66
N ASP D 234 9.85 -9.00 0.85
CA ASP D 234 9.73 -10.10 1.81
C ASP D 234 9.85 -9.56 3.22
N LYS D 235 9.19 -10.24 4.15
CA LYS D 235 9.27 -9.86 5.55
C LYS D 235 10.63 -10.41 5.92
N LYS D 236 11.30 -9.73 6.84
CA LYS D 236 12.62 -10.11 7.31
C LYS D 236 13.69 -9.69 6.32
N ASN D 237 13.30 -8.87 5.36
CA ASN D 237 14.25 -8.31 4.40
C ASN D 237 13.85 -6.86 4.13
N GLU D 238 13.43 -6.16 5.17
CA GLU D 238 13.06 -4.75 5.03
C GLU D 238 14.34 -3.93 4.81
N PRO D 239 14.24 -2.79 4.15
CA PRO D 239 15.43 -1.95 3.91
C PRO D 239 16.31 -1.73 5.14
N ASN D 240 17.63 -1.75 4.93
CA ASN D 240 18.62 -1.59 5.99
C ASN D 240 18.88 -0.11 6.30
N PRO D 241 18.43 0.35 7.47
CA PRO D 241 18.58 1.73 7.93
C PRO D 241 20.03 2.24 7.95
N GLN D 242 21.00 1.33 8.11
CA GLN D 242 22.39 1.75 8.15
C GLN D 242 23.09 1.62 6.80
N ARG D 243 22.39 1.15 5.78
CA ARG D 243 23.07 0.92 4.51
C ARG D 243 23.89 2.08 3.96
N PHE D 244 23.38 3.31 4.05
CA PHE D 244 24.15 4.43 3.53
C PHE D 244 25.39 4.75 4.37
N ASP D 245 25.33 4.44 5.66
CA ASP D 245 26.47 4.62 6.56
C ASP D 245 27.56 3.66 6.12
N ARG D 246 27.23 2.36 6.07
CA ARG D 246 28.19 1.31 5.70
C ARG D 246 28.81 1.45 4.31
N ILE D 247 28.04 1.91 3.33
CA ILE D 247 28.59 2.06 1.98
C ILE D 247 29.74 3.07 1.93
N ALA D 248 29.73 4.05 2.82
CA ALA D 248 30.79 5.06 2.81
C ALA D 248 32.12 4.59 3.42
N HIS D 249 32.15 3.39 3.99
CA HIS D 249 33.37 2.89 4.63
C HIS D 249 33.99 1.63 4.03
N THR D 250 33.45 1.18 2.90
CA THR D 250 33.93 -0.03 2.25
C THR D 250 35.46 -0.21 2.17
N LYS D 251 36.18 0.87 1.90
CA LYS D 251 37.63 0.77 1.80
C LYS D 251 38.23 0.12 3.05
N GLU D 252 37.82 0.59 4.21
CA GLU D 252 38.31 0.04 5.47
C GLU D 252 37.68 -1.29 5.87
N THR D 253 36.35 -1.35 5.88
CA THR D 253 35.64 -2.56 6.29
C THR D 253 35.77 -3.79 5.38
N MET D 254 36.19 -3.61 4.14
CA MET D 254 36.32 -4.75 3.23
C MET D 254 37.53 -5.61 3.63
N LEU D 255 38.39 -5.04 4.47
CA LEU D 255 39.60 -5.72 4.94
C LEU D 255 39.27 -6.72 6.06
N SER D 256 38.21 -6.47 6.80
CA SER D 256 37.84 -7.34 7.90
C SER D 256 36.48 -8.02 7.80
N ASP D 257 35.77 -7.80 6.71
CA ASP D 257 34.45 -8.41 6.52
C ASP D 257 34.41 -8.96 5.11
N GLY D 258 34.40 -10.28 5.01
CA GLY D 258 34.41 -10.94 3.73
C GLY D 258 34.76 -12.40 3.94
N LEU D 259 35.44 -13.02 2.96
CA LEU D 259 35.81 -14.42 3.07
C LEU D 259 36.60 -14.71 4.34
N ASN D 260 37.54 -13.82 4.64
CA ASN D 260 38.40 -13.99 5.79
C ASN D 260 37.67 -13.87 7.12
N SER D 261 36.37 -13.62 7.10
CA SER D 261 35.62 -13.50 8.34
C SER D 261 34.30 -14.27 8.30
N LEU D 262 34.08 -15.01 7.22
CA LEU D 262 32.85 -15.77 7.05
C LEU D 262 32.74 -17.02 7.91
N THR D 263 31.59 -17.19 8.57
CA THR D 263 31.34 -18.35 9.39
C THR D 263 29.91 -18.75 9.20
N TYR D 264 29.65 -20.06 9.20
CA TYR D 264 28.30 -20.57 9.01
C TYR D 264 28.27 -22.09 9.20
N MET D 265 27.08 -22.63 9.46
CA MET D 265 26.91 -24.05 9.62
C MET D 265 25.96 -24.58 8.56
N VAL D 266 26.41 -25.61 7.85
CA VAL D 266 25.61 -26.25 6.84
C VAL D 266 24.68 -27.21 7.58
N LEU D 267 23.38 -27.03 7.41
CA LEU D 267 22.42 -27.87 8.08
C LEU D 267 21.95 -29.02 7.19
N GLU D 268 22.06 -28.84 5.88
CA GLU D 268 21.58 -29.86 4.98
C GLU D 268 21.92 -29.57 3.52
N VAL D 269 22.34 -30.62 2.82
CA VAL D 269 22.65 -30.50 1.40
C VAL D 269 21.68 -31.39 0.61
N GLN D 270 21.04 -30.78 -0.37
CA GLN D 270 20.10 -31.50 -1.20
C GLN D 270 20.52 -31.41 -2.65
N ARG D 271 20.61 -32.59 -3.26
CA ARG D 271 20.98 -32.72 -4.65
C ARG D 271 19.73 -33.07 -5.44
N TYR D 272 19.12 -32.07 -6.04
CA TYR D 272 17.93 -32.28 -6.86
C TYR D 272 18.40 -32.47 -8.30
N PRO D 273 17.50 -32.92 -9.19
CA PRO D 273 17.99 -33.09 -10.57
C PRO D 273 18.40 -31.78 -11.27
N LEU D 274 17.71 -30.69 -10.96
CA LEU D 274 18.01 -29.42 -11.60
C LEU D 274 18.84 -28.44 -10.78
N TYR D 275 19.20 -28.81 -9.56
CA TYR D 275 20.00 -27.91 -8.72
C TYR D 275 20.36 -28.47 -7.38
N THR D 276 21.38 -27.86 -6.78
CA THR D 276 21.83 -28.23 -5.46
C THR D 276 21.31 -27.15 -4.49
N LYS D 277 20.61 -27.58 -3.43
CA LYS D 277 20.08 -26.66 -2.44
C LYS D 277 20.83 -26.88 -1.13
N ILE D 278 21.56 -25.86 -0.69
CA ILE D 278 22.32 -25.94 0.55
C ILE D 278 21.71 -25.07 1.63
N THR D 279 21.20 -25.72 2.68
CA THR D 279 20.58 -24.98 3.77
C THR D 279 21.61 -24.65 4.85
N VAL D 280 21.76 -23.36 5.13
CA VAL D 280 22.73 -22.89 6.10
C VAL D 280 22.17 -21.96 7.18
N ASP D 281 22.84 -21.98 8.32
CA ASP D 281 22.50 -21.15 9.46
C ASP D 281 23.61 -20.12 9.38
N ILE D 282 23.27 -18.88 9.02
CA ILE D 282 24.28 -17.83 8.89
C ILE D 282 24.29 -16.84 10.06
N GLY D 283 23.71 -17.24 11.18
CA GLY D 283 23.70 -16.36 12.33
C GLY D 283 22.71 -15.22 12.25
N THR D 284 22.84 -14.27 13.17
CA THR D 284 21.95 -13.13 13.25
C THR D 284 22.69 -11.79 13.25
N PRO D 285 21.94 -10.68 13.11
CA PRO D 285 22.51 -9.33 13.10
C PRO D 285 23.34 -9.08 14.37
N SER D 286 24.59 -8.69 14.16
CA SER D 286 25.51 -8.42 15.26
C SER D 286 26.23 -7.09 15.04
#